data_4HH9
#
_entry.id   4HH9
#
_cell.length_a   73.860
_cell.length_b   79.470
_cell.length_c   86.270
_cell.angle_alpha   90.00
_cell.angle_beta   113.25
_cell.angle_gamma   90.00
#
_symmetry.space_group_name_H-M   'P 1 21 1'
#
loop_
_entity.id
_entity.type
_entity.pdbx_description
1 polymer 'Fab KE5, light chain'
2 polymer 'Fab KE5, heavy chain'
3 water water
#
loop_
_entity_poly.entity_id
_entity_poly.type
_entity_poly.pdbx_seq_one_letter_code
_entity_poly.pdbx_strand_id
1 'polypeptide(L)'
;EVVLTQSPATLSLSPGERATISCRASQSVGGYLTWYQQKPGQAPRLLIYDASNRATGIPARFSGSGSGTDFTLTISGLEP
EDFAIYYCQQRGNWPPITFGQGTRLEIKRTVAAPSVFIFPPSDEQLKSGTASVVCLLNNFYPREAKVQWKVDNALQSGNS
QESVTEQDSKDSTYSLSSTLTLSKADYEKHKVYACEVTHQGLSSPVTKSFNRGEC
;
A,C
2 'polypeptide(L)'
;QVQLVESGGGVVQPGRSLRLSCAASGFTFSNHGMHWVRQAPGKRLEWVAVISYDGRHEHYADLVKGRFTISRDNSKNTLY
LQMNSLRAEDRALYFCAREGLSRDNSGFTGLIDYWGQGTMVTVSSASTKGPSVFPLAPSSKSTSGGTAALGCLVKDYFPE
PVTVSWNSGALTSGVHTFPAVLQSSGLYSLSSVVTVPSSSLGTQTYICNVNHKPSNTKVDKKVEPKSCDKTHTGLE
;
B,D
#
# COMPACT_ATOMS: atom_id res chain seq x y z
N GLU A 1 -17.99 7.06 -24.16
CA GLU A 1 -16.94 7.20 -23.10
C GLU A 1 -17.46 8.00 -21.91
N VAL A 2 -16.86 7.77 -20.75
CA VAL A 2 -17.25 8.48 -19.55
C VAL A 2 -16.49 9.80 -19.49
N VAL A 3 -17.23 10.90 -19.49
CA VAL A 3 -16.62 12.22 -19.42
C VAL A 3 -16.48 12.61 -17.96
N LEU A 4 -15.26 12.97 -17.56
CA LEU A 4 -15.01 13.37 -16.18
C LEU A 4 -14.79 14.88 -16.15
N THR A 5 -15.57 15.57 -15.33
CA THR A 5 -15.46 17.01 -15.21
C THR A 5 -15.08 17.42 -13.80
N GLN A 6 -13.88 17.98 -13.65
CA GLN A 6 -13.42 18.43 -12.34
C GLN A 6 -13.80 19.88 -12.13
N SER A 7 -13.91 20.27 -10.87
CA SER A 7 -14.28 21.64 -10.52
C SER A 7 -13.82 21.92 -9.09
N PRO A 8 -13.23 23.10 -8.85
CA PRO A 8 -12.98 24.14 -9.86
C PRO A 8 -11.74 23.82 -10.71
N ALA A 9 -11.55 24.59 -11.77
CA ALA A 9 -10.40 24.40 -12.65
C ALA A 9 -9.12 24.74 -11.90
N THR A 10 -9.19 25.78 -11.07
CA THR A 10 -8.04 26.20 -10.28
C THR A 10 -8.51 26.59 -8.89
N LEU A 11 -7.74 26.20 -7.88
CA LEU A 11 -8.07 26.49 -6.50
C LEU A 11 -6.94 27.29 -5.88
N SER A 12 -7.29 28.44 -5.29
CA SER A 12 -6.30 29.30 -4.65
C SER A 12 -6.47 29.27 -3.14
N LEU A 13 -5.56 28.60 -2.46
CA LEU A 13 -5.59 28.47 -1.01
C LEU A 13 -4.18 28.64 -0.43
N SER A 14 -4.10 28.68 0.89
CA SER A 14 -2.81 28.83 1.57
C SER A 14 -2.66 27.73 2.61
N PRO A 15 -1.41 27.42 3.01
CA PRO A 15 -1.12 26.38 4.00
C PRO A 15 -2.04 26.44 5.21
N GLY A 16 -2.54 25.29 5.62
CA GLY A 16 -3.42 25.23 6.78
C GLY A 16 -4.89 25.16 6.43
N GLU A 17 -5.24 25.57 5.21
CA GLU A 17 -6.63 25.56 4.78
C GLU A 17 -7.05 24.21 4.20
N ARG A 18 -8.34 24.08 3.91
CA ARG A 18 -8.89 22.85 3.36
C ARG A 18 -9.23 22.98 1.88
N ALA A 19 -8.75 22.03 1.08
CA ALA A 19 -9.02 22.04 -0.35
C ALA A 19 -10.09 21.01 -0.67
N THR A 20 -11.09 21.43 -1.42
CA THR A 20 -12.19 20.54 -1.82
C THR A 20 -12.26 20.53 -3.34
N ILE A 21 -11.94 19.38 -3.93
CA ILE A 21 -11.97 19.23 -5.38
C ILE A 21 -13.01 18.22 -5.81
N SER A 22 -13.84 18.59 -6.78
CA SER A 22 -14.89 17.71 -7.27
C SER A 22 -14.55 17.08 -8.62
N CYS A 23 -15.15 15.92 -8.86
CA CYS A 23 -14.97 15.18 -10.10
C CYS A 23 -16.33 14.54 -10.38
N ARG A 24 -16.98 14.99 -11.45
CA ARG A 24 -18.29 14.47 -11.81
C ARG A 24 -18.23 13.70 -13.13
N ALA A 25 -18.86 12.53 -13.14
CA ALA A 25 -18.87 11.68 -14.34
C ALA A 25 -20.18 11.79 -15.12
N SER A 26 -20.08 11.62 -16.43
CA SER A 26 -21.24 11.69 -17.32
C SER A 26 -22.20 10.53 -17.07
N GLN A 27 -21.68 9.45 -16.48
CA GLN A 27 -22.49 8.28 -16.15
C GLN A 27 -21.87 7.60 -14.93
N SER A 28 -22.68 6.81 -14.24
CA SER A 28 -22.24 6.12 -13.04
C SER A 28 -21.04 5.20 -13.24
N VAL A 29 -20.09 5.28 -12.32
CA VAL A 29 -18.89 4.44 -12.34
C VAL A 29 -18.69 3.82 -10.97
N GLY A 30 -19.79 3.73 -10.21
CA GLY A 30 -19.72 3.16 -8.88
C GLY A 30 -18.68 3.82 -8.01
N GLY A 31 -17.73 3.03 -7.53
CA GLY A 31 -16.67 3.56 -6.69
C GLY A 31 -15.33 3.42 -7.39
N TYR A 32 -15.38 3.14 -8.69
CA TYR A 32 -14.16 2.98 -9.48
C TYR A 32 -13.61 4.33 -9.91
N LEU A 33 -13.12 5.08 -8.93
CA LEU A 33 -12.57 6.40 -9.17
C LEU A 33 -11.22 6.54 -8.47
N THR A 34 -10.22 7.02 -9.21
CA THR A 34 -8.87 7.19 -8.68
C THR A 34 -8.41 8.65 -8.75
N TRP A 35 -7.62 9.06 -7.76
CA TRP A 35 -7.08 10.42 -7.72
C TRP A 35 -5.56 10.41 -7.81
N TYR A 36 -5.03 11.32 -8.62
CA TYR A 36 -3.57 11.44 -8.79
C TYR A 36 -3.12 12.85 -8.50
N GLN A 37 -1.84 12.97 -8.14
CA GLN A 37 -1.23 14.27 -7.88
C GLN A 37 -0.09 14.34 -8.87
N GLN A 38 0.06 15.48 -9.53
CA GLN A 38 1.16 15.63 -10.47
C GLN A 38 1.84 16.98 -10.35
N LYS A 39 3.14 16.94 -10.12
CA LYS A 39 3.94 18.13 -9.98
C LYS A 39 4.74 18.30 -11.28
N PRO A 40 4.95 19.55 -11.71
CA PRO A 40 5.70 19.82 -12.94
C PRO A 40 7.00 19.03 -13.10
N GLY A 41 7.20 18.49 -14.30
CA GLY A 41 8.40 17.72 -14.58
C GLY A 41 8.43 16.41 -13.83
N GLN A 42 7.25 15.97 -13.39
CA GLN A 42 7.12 14.74 -12.62
C GLN A 42 5.93 13.92 -13.12
N ALA A 43 5.99 12.61 -12.94
CA ALA A 43 4.91 11.73 -13.37
C ALA A 43 3.81 11.74 -12.33
N PRO A 44 2.57 11.38 -12.72
CA PRO A 44 1.49 11.39 -11.73
C PRO A 44 1.77 10.41 -10.59
N ARG A 45 1.22 10.71 -9.42
CA ARG A 45 1.41 9.87 -8.25
C ARG A 45 0.05 9.43 -7.71
N LEU A 46 -0.11 8.13 -7.53
CA LEU A 46 -1.36 7.58 -7.01
C LEU A 46 -1.61 8.05 -5.59
N LEU A 47 -2.78 8.64 -5.37
CA LEU A 47 -3.16 9.14 -4.05
C LEU A 47 -4.23 8.26 -3.43
N ILE A 48 -5.36 8.19 -4.13
CA ILE A 48 -6.51 7.43 -3.67
C ILE A 48 -7.15 6.61 -4.79
N TYR A 49 -7.57 5.40 -4.46
CA TYR A 49 -8.22 4.54 -5.43
C TYR A 49 -9.51 4.00 -4.82
N ASP A 50 -10.41 3.53 -5.67
CA ASP A 50 -11.69 3.02 -5.21
C ASP A 50 -12.43 4.11 -4.44
N ALA A 51 -12.28 5.35 -4.92
CA ALA A 51 -12.92 6.53 -4.37
C ALA A 51 -12.47 7.02 -2.99
N SER A 52 -12.17 6.10 -2.08
CA SER A 52 -11.77 6.53 -0.74
C SER A 52 -10.56 5.85 -0.12
N ASN A 53 -9.91 4.94 -0.83
CA ASN A 53 -8.76 4.26 -0.26
C ASN A 53 -7.42 4.90 -0.60
N ARG A 54 -6.73 5.36 0.44
CA ARG A 54 -5.43 6.00 0.28
C ARG A 54 -4.35 4.96 0.01
N ALA A 55 -3.42 5.30 -0.86
CA ALA A 55 -2.33 4.39 -1.21
C ALA A 55 -1.26 4.46 -0.13
N THR A 56 -0.33 3.50 -0.19
CA THR A 56 0.76 3.43 0.79
C THR A 56 1.49 4.76 0.96
N GLY A 57 1.69 5.17 2.20
CA GLY A 57 2.40 6.41 2.46
C GLY A 57 1.63 7.70 2.30
N ILE A 58 0.42 7.64 1.74
CA ILE A 58 -0.37 8.84 1.56
C ILE A 58 -0.96 9.25 2.90
N PRO A 59 -0.63 10.45 3.39
CA PRO A 59 -1.12 10.97 4.68
C PRO A 59 -2.63 11.06 4.82
N ALA A 60 -3.10 10.87 6.05
CA ALA A 60 -4.51 10.90 6.38
C ALA A 60 -5.23 12.20 6.05
N ARG A 61 -4.48 13.29 5.83
CA ARG A 61 -5.12 14.55 5.52
C ARG A 61 -5.81 14.51 4.16
N PHE A 62 -5.46 13.51 3.36
CA PHE A 62 -6.09 13.33 2.05
C PHE A 62 -7.23 12.35 2.24
N SER A 63 -8.43 12.72 1.80
CA SER A 63 -9.56 11.82 1.93
C SER A 63 -10.45 11.92 0.70
N GLY A 64 -10.85 10.77 0.18
CA GLY A 64 -11.70 10.73 -0.99
C GLY A 64 -13.07 10.24 -0.58
N SER A 65 -14.11 10.76 -1.22
CA SER A 65 -15.47 10.36 -0.92
C SER A 65 -16.33 10.46 -2.17
N GLY A 66 -17.56 9.97 -2.08
CA GLY A 66 -18.46 10.03 -3.23
C GLY A 66 -18.73 8.66 -3.84
N SER A 67 -19.65 8.64 -4.79
CA SER A 67 -20.01 7.40 -5.48
C SER A 67 -20.87 7.76 -6.68
N GLY A 68 -21.09 6.79 -7.56
CA GLY A 68 -21.91 7.04 -8.73
C GLY A 68 -21.27 8.00 -9.72
N THR A 69 -21.71 9.26 -9.69
CA THR A 69 -21.20 10.27 -10.61
C THR A 69 -20.56 11.48 -9.92
N ASP A 70 -20.67 11.56 -8.60
CA ASP A 70 -20.11 12.68 -7.87
C ASP A 70 -19.03 12.26 -6.87
N PHE A 71 -17.81 12.74 -7.08
CA PHE A 71 -16.70 12.40 -6.19
C PHE A 71 -16.01 13.65 -5.67
N THR A 72 -15.36 13.52 -4.52
CA THR A 72 -14.69 14.66 -3.91
C THR A 72 -13.36 14.29 -3.26
N LEU A 73 -12.35 15.09 -3.54
CA LEU A 73 -11.03 14.89 -2.94
C LEU A 73 -10.89 16.03 -1.96
N THR A 74 -10.75 15.71 -0.68
CA THR A 74 -10.61 16.73 0.34
C THR A 74 -9.25 16.67 1.00
N ILE A 75 -8.54 17.80 0.99
CA ILE A 75 -7.22 17.87 1.60
C ILE A 75 -7.30 18.83 2.79
N SER A 76 -7.25 18.27 4.00
CA SER A 76 -7.32 19.08 5.20
C SER A 76 -5.92 19.51 5.62
N GLY A 77 -5.83 20.69 6.23
CA GLY A 77 -4.53 21.19 6.67
C GLY A 77 -3.48 21.17 5.58
N LEU A 78 -3.71 21.92 4.51
CA LEU A 78 -2.79 21.98 3.39
C LEU A 78 -1.35 22.31 3.81
N GLU A 79 -0.41 21.62 3.18
CA GLU A 79 1.00 21.83 3.44
C GLU A 79 1.62 22.26 2.12
N PRO A 80 2.79 22.93 2.16
CA PRO A 80 3.45 23.40 0.94
C PRO A 80 3.58 22.38 -0.19
N GLU A 81 3.85 21.12 0.16
CA GLU A 81 4.00 20.08 -0.85
C GLU A 81 2.71 19.65 -1.55
N ASP A 82 1.57 20.14 -1.06
CA ASP A 82 0.29 19.76 -1.66
C ASP A 82 -0.09 20.58 -2.88
N PHE A 83 0.60 21.70 -3.10
CA PHE A 83 0.29 22.54 -4.23
C PHE A 83 0.82 21.95 -5.52
N ALA A 84 -0.11 21.43 -6.32
CA ALA A 84 0.22 20.81 -7.60
C ALA A 84 -1.08 20.67 -8.39
N ILE A 85 -1.07 19.75 -9.36
CA ILE A 85 -2.24 19.50 -10.19
C ILE A 85 -2.86 18.18 -9.77
N TYR A 86 -4.19 18.12 -9.71
CA TYR A 86 -4.87 16.90 -9.32
C TYR A 86 -5.76 16.38 -10.43
N TYR A 87 -5.70 15.08 -10.65
CA TYR A 87 -6.50 14.43 -11.70
C TYR A 87 -7.30 13.26 -11.16
N CYS A 88 -8.51 13.09 -11.69
CA CYS A 88 -9.32 11.96 -11.31
C CYS A 88 -9.36 11.06 -12.53
N GLN A 89 -9.48 9.76 -12.30
CA GLN A 89 -9.51 8.79 -13.38
C GLN A 89 -10.54 7.72 -13.06
N GLN A 90 -11.30 7.31 -14.06
CA GLN A 90 -12.32 6.31 -13.86
C GLN A 90 -11.99 4.98 -14.53
N ARG A 91 -12.37 3.89 -13.88
CA ARG A 91 -12.13 2.55 -14.39
C ARG A 91 -13.43 1.76 -14.24
N GLY A 92 -14.54 2.50 -14.26
CA GLY A 92 -15.85 1.88 -14.12
C GLY A 92 -16.39 1.41 -15.46
N ASN A 93 -16.13 2.19 -16.50
CA ASN A 93 -16.58 1.83 -17.84
C ASN A 93 -15.48 2.17 -18.83
N TRP A 94 -14.77 1.15 -19.27
CA TRP A 94 -13.67 1.34 -20.22
C TRP A 94 -13.41 0.04 -20.98
N PRO A 95 -12.64 0.10 -22.08
CA PRO A 95 -12.03 1.31 -22.61
C PRO A 95 -13.03 2.29 -23.22
N PRO A 96 -12.63 3.56 -23.38
CA PRO A 96 -11.30 4.05 -23.01
C PRO A 96 -11.18 4.50 -21.55
N ILE A 97 -9.98 4.46 -21.02
CA ILE A 97 -9.73 4.93 -19.66
C ILE A 97 -9.79 6.45 -19.81
N THR A 98 -10.56 7.11 -18.97
CA THR A 98 -10.67 8.56 -19.07
C THR A 98 -10.25 9.31 -17.81
N PHE A 99 -9.68 10.49 -18.01
CA PHE A 99 -9.22 11.34 -16.92
C PHE A 99 -9.98 12.66 -16.92
N GLY A 100 -9.93 13.36 -15.78
CA GLY A 100 -10.57 14.66 -15.69
C GLY A 100 -9.61 15.62 -16.36
N GLN A 101 -10.00 16.88 -16.52
CA GLN A 101 -9.11 17.84 -17.17
C GLN A 101 -8.07 18.40 -16.20
N GLY A 102 -8.19 18.04 -14.92
CA GLY A 102 -7.24 18.51 -13.93
C GLY A 102 -7.64 19.76 -13.19
N THR A 103 -7.19 19.86 -11.94
CA THR A 103 -7.46 21.01 -11.10
C THR A 103 -6.13 21.52 -10.56
N ARG A 104 -5.87 22.80 -10.75
CA ARG A 104 -4.64 23.42 -10.29
C ARG A 104 -4.81 24.01 -8.89
N LEU A 105 -4.09 23.45 -7.93
CA LEU A 105 -4.14 23.94 -6.56
C LEU A 105 -2.92 24.82 -6.37
N GLU A 106 -3.13 26.13 -6.30
CA GLU A 106 -2.03 27.06 -6.13
C GLU A 106 -2.13 27.89 -4.87
N ILE A 107 -1.04 28.57 -4.54
CA ILE A 107 -0.97 29.39 -3.34
C ILE A 107 -1.63 30.74 -3.53
N LYS A 108 -2.50 31.07 -2.59
CA LYS A 108 -3.19 32.34 -2.64
C LYS A 108 -2.40 33.38 -1.87
N ARG A 109 -2.33 34.57 -2.43
CA ARG A 109 -1.66 35.69 -1.80
C ARG A 109 -2.47 36.88 -2.26
N THR A 110 -2.21 38.05 -1.69
CA THR A 110 -2.97 39.22 -2.07
C THR A 110 -2.52 39.76 -3.42
N VAL A 111 -3.49 40.25 -4.17
CA VAL A 111 -3.27 40.79 -5.50
C VAL A 111 -2.03 41.66 -5.63
N ALA A 112 -1.32 41.48 -6.74
CA ALA A 112 -0.11 42.23 -7.04
C ALA A 112 -0.13 42.54 -8.53
N ALA A 113 -0.27 43.81 -8.86
CA ALA A 113 -0.29 44.22 -10.27
C ALA A 113 1.08 44.02 -10.87
N PRO A 114 1.14 43.68 -12.16
CA PRO A 114 2.40 43.45 -12.87
C PRO A 114 3.19 44.71 -13.15
N SER A 115 4.51 44.58 -13.13
CA SER A 115 5.38 45.69 -13.48
C SER A 115 5.54 45.44 -14.97
N VAL A 116 5.21 46.43 -15.79
CA VAL A 116 5.31 46.25 -17.23
C VAL A 116 6.52 46.89 -17.88
N PHE A 117 7.24 46.09 -18.67
CA PHE A 117 8.41 46.57 -19.39
C PHE A 117 8.25 46.18 -20.85
N ILE A 118 8.79 47.01 -21.75
CA ILE A 118 8.70 46.72 -23.17
C ILE A 118 10.07 46.87 -23.82
N PHE A 119 10.41 45.95 -24.71
CA PHE A 119 11.71 45.95 -25.37
C PHE A 119 11.64 46.03 -26.89
N PRO A 120 12.21 47.10 -27.47
CA PRO A 120 12.16 47.19 -28.94
C PRO A 120 13.13 46.17 -29.51
N PRO A 121 13.08 45.93 -30.83
CA PRO A 121 14.00 44.97 -31.42
C PRO A 121 15.44 45.43 -31.28
N SER A 122 16.37 44.48 -31.15
CA SER A 122 17.77 44.83 -31.01
C SER A 122 18.32 45.23 -32.37
N ASP A 123 19.35 46.08 -32.38
CA ASP A 123 19.95 46.50 -33.64
C ASP A 123 20.43 45.25 -34.35
N GLU A 124 21.02 44.33 -33.58
CA GLU A 124 21.52 43.09 -34.14
C GLU A 124 20.42 42.29 -34.84
N GLN A 125 19.26 42.15 -34.22
CA GLN A 125 18.19 41.39 -34.85
C GLN A 125 17.69 42.08 -36.11
N LEU A 126 17.76 43.40 -36.13
CA LEU A 126 17.31 44.16 -37.28
C LEU A 126 18.16 43.94 -38.52
N LYS A 127 19.39 43.49 -38.32
CA LYS A 127 20.30 43.22 -39.42
C LYS A 127 19.92 41.95 -40.17
N GLY A 129 16.39 40.35 -40.82
CA GLY A 129 15.19 40.43 -41.64
C GLY A 129 13.92 40.31 -40.83
N THR A 130 14.06 40.11 -39.53
CA THR A 130 12.92 39.97 -38.65
C THR A 130 13.01 40.88 -37.43
N ALA A 131 11.87 41.28 -36.90
CA ALA A 131 11.82 42.15 -35.74
C ALA A 131 10.92 41.55 -34.66
N SER A 132 11.46 41.44 -33.46
CA SER A 132 10.72 40.89 -32.33
C SER A 132 10.57 41.96 -31.25
N VAL A 133 9.34 42.19 -30.82
CA VAL A 133 9.06 43.16 -29.77
C VAL A 133 8.59 42.37 -28.56
N VAL A 134 9.22 42.60 -27.42
CA VAL A 134 8.86 41.87 -26.20
C VAL A 134 8.23 42.71 -25.10
N CYS A 135 7.18 42.17 -24.50
CA CYS A 135 6.49 42.83 -23.40
C CYS A 135 6.55 41.91 -22.19
N LEU A 136 7.08 42.44 -21.10
CA LEU A 136 7.21 41.65 -19.87
C LEU A 136 6.28 42.10 -18.76
N LEU A 137 5.50 41.15 -18.24
CA LEU A 137 4.59 41.42 -17.13
C LEU A 137 5.27 40.67 -15.99
N ASN A 138 5.84 41.41 -15.05
CA ASN A 138 6.58 40.78 -13.97
C ASN A 138 5.96 40.73 -12.56
N ASN A 139 6.23 39.61 -11.89
CA ASN A 139 5.77 39.35 -10.54
C ASN A 139 4.38 39.86 -10.21
N PHE A 140 3.37 39.17 -10.73
CA PHE A 140 2.00 39.56 -10.48
C PHE A 140 1.18 38.39 -9.94
N TYR A 141 0.00 38.72 -9.42
CA TYR A 141 -0.90 37.73 -8.86
C TYR A 141 -2.29 38.35 -8.81
N PRO A 142 -3.33 37.59 -9.19
CA PRO A 142 -3.26 36.20 -9.66
C PRO A 142 -2.65 36.00 -11.04
N ARG A 143 -2.66 34.75 -11.49
CA ARG A 143 -2.09 34.35 -12.78
C ARG A 143 -2.76 34.91 -14.03
N GLU A 144 -4.09 35.08 -14.01
CA GLU A 144 -4.78 35.61 -15.17
C GLU A 144 -4.26 36.96 -15.60
N ALA A 145 -3.79 37.05 -16.85
CA ALA A 145 -3.25 38.30 -17.38
C ALA A 145 -3.35 38.27 -18.90
N LYS A 146 -3.69 39.42 -19.49
CA LYS A 146 -3.82 39.48 -20.94
C LYS A 146 -2.98 40.60 -21.55
N VAL A 147 -2.42 40.32 -22.72
CA VAL A 147 -1.62 41.30 -23.43
C VAL A 147 -2.21 41.49 -24.81
N GLN A 148 -2.37 42.74 -25.21
CA GLN A 148 -2.90 43.07 -26.53
C GLN A 148 -1.88 43.96 -27.20
N TRP A 149 -1.56 43.66 -28.45
CA TRP A 149 -0.60 44.46 -29.19
C TRP A 149 -1.29 45.39 -30.17
N LYS A 150 -0.71 46.58 -30.31
CA LYS A 150 -1.24 47.59 -31.21
C LYS A 150 -0.06 48.26 -31.91
N VAL A 151 -0.17 48.34 -33.24
CA VAL A 151 0.85 48.98 -34.05
C VAL A 151 0.16 50.17 -34.69
N ASP A 152 0.65 51.36 -34.40
CA ASP A 152 0.04 52.58 -34.91
C ASP A 152 -1.46 52.53 -34.63
N ASN A 153 -1.78 52.00 -33.45
CA ASN A 153 -3.15 51.87 -32.97
C ASN A 153 -4.03 50.81 -33.63
N ALA A 154 -3.43 49.94 -34.43
CA ALA A 154 -4.20 48.88 -35.08
C ALA A 154 -4.05 47.62 -34.24
N LEU A 155 -5.16 47.07 -33.77
CA LEU A 155 -5.12 45.87 -32.95
C LEU A 155 -4.45 44.75 -33.75
N GLN A 156 -3.45 44.12 -33.15
CA GLN A 156 -2.71 43.04 -33.81
C GLN A 156 -3.32 41.67 -33.55
N SER A 157 -3.32 40.83 -34.58
CA SER A 157 -3.89 39.49 -34.46
C SER A 157 -3.05 38.40 -35.10
N GLY A 158 -2.90 37.30 -34.38
CA GLY A 158 -2.16 36.14 -34.88
C GLY A 158 -0.65 36.27 -35.05
N ASN A 159 -0.08 37.38 -34.60
CA ASN A 159 1.37 37.57 -34.73
C ASN A 159 2.09 37.72 -33.40
N SER A 160 1.54 37.15 -32.34
CA SER A 160 2.17 37.22 -31.03
C SER A 160 2.02 35.91 -30.29
N GLN A 161 2.96 35.64 -29.39
CA GLN A 161 2.94 34.42 -28.59
C GLN A 161 3.34 34.80 -27.17
N GLU A 162 2.69 34.16 -26.19
CA GLU A 162 2.99 34.45 -24.80
C GLU A 162 3.38 33.20 -24.02
N SER A 163 4.10 33.41 -22.92
CA SER A 163 4.57 32.31 -22.08
C SER A 163 4.51 32.74 -20.62
N VAL A 164 4.21 31.80 -19.72
CA VAL A 164 4.11 32.12 -18.30
C VAL A 164 4.97 31.20 -17.43
N THR A 165 5.56 31.78 -16.38
CA THR A 165 6.39 31.03 -15.45
C THR A 165 5.56 30.33 -14.40
N GLU A 166 6.15 29.34 -13.73
CA GLU A 166 5.45 28.62 -12.67
C GLU A 166 5.41 29.57 -11.48
N GLN A 167 4.46 29.36 -10.59
CA GLN A 167 4.33 30.21 -9.41
C GLN A 167 5.63 30.21 -8.61
N ASP A 168 6.12 31.41 -8.30
CA ASP A 168 7.35 31.56 -7.54
C ASP A 168 7.19 30.92 -6.16
N SER A 169 8.16 30.11 -5.78
CA SER A 169 8.13 29.42 -4.50
C SER A 169 8.23 30.36 -3.31
N LYS A 170 8.85 31.52 -3.52
CA LYS A 170 9.04 32.49 -2.45
C LYS A 170 7.97 33.58 -2.33
N ASP A 171 7.69 34.29 -3.42
CA ASP A 171 6.68 35.35 -3.35
C ASP A 171 5.31 34.99 -3.93
N SER A 172 5.17 33.75 -4.38
CA SER A 172 3.91 33.25 -4.92
C SER A 172 3.38 34.02 -6.14
N THR A 173 4.26 34.70 -6.87
CA THR A 173 3.82 35.46 -8.03
C THR A 173 4.12 34.76 -9.35
N TYR A 174 3.61 35.33 -10.43
CA TYR A 174 3.84 34.80 -11.77
C TYR A 174 4.42 35.90 -12.63
N SER A 175 4.96 35.51 -13.77
CA SER A 175 5.53 36.44 -14.73
C SER A 175 5.13 35.95 -16.11
N LEU A 176 4.87 36.91 -16.99
CA LEU A 176 4.46 36.56 -18.35
C LEU A 176 5.22 37.42 -19.34
N SER A 177 5.55 36.83 -20.49
CA SER A 177 6.25 37.56 -21.53
C SER A 177 5.57 37.30 -22.85
N SER A 178 5.28 38.38 -23.57
CA SER A 178 4.62 38.30 -24.87
C SER A 178 5.53 38.87 -25.94
N THR A 179 5.61 38.18 -27.07
CA THR A 179 6.45 38.64 -28.17
C THR A 179 5.66 38.89 -29.44
N LEU A 180 5.88 40.05 -30.04
CA LEU A 180 5.22 40.42 -31.29
C LEU A 180 6.29 40.25 -32.35
N THR A 181 6.03 39.41 -33.35
CA THR A 181 7.03 39.20 -34.40
C THR A 181 6.54 39.74 -35.73
N LEU A 182 7.35 40.61 -36.32
CA LEU A 182 7.03 41.21 -37.60
C LEU A 182 8.19 41.07 -38.55
N SER A 183 7.92 41.31 -39.83
CA SER A 183 8.96 41.28 -40.84
C SER A 183 9.63 42.63 -40.63
N LYS A 184 10.92 42.73 -40.94
CA LYS A 184 11.64 43.98 -40.78
C LYS A 184 10.95 45.07 -41.59
N ALA A 185 10.45 44.70 -42.77
CA ALA A 185 9.76 45.65 -43.64
C ALA A 185 8.55 46.26 -42.94
N ASP A 186 7.74 45.40 -42.33
CA ASP A 186 6.55 45.86 -41.62
C ASP A 186 6.90 46.72 -40.41
N TYR A 187 7.96 46.36 -39.70
CA TYR A 187 8.38 47.11 -38.53
C TYR A 187 8.81 48.53 -38.91
N GLU A 188 9.57 48.64 -39.99
CA GLU A 188 10.06 49.94 -40.46
C GLU A 188 8.90 50.76 -41.00
N LYS A 189 7.84 50.04 -41.31
CA LYS A 189 6.62 50.61 -41.87
C LYS A 189 5.80 51.42 -40.89
N HIS A 190 5.84 51.03 -39.61
CA HIS A 190 5.06 51.74 -38.61
C HIS A 190 5.90 52.46 -37.56
N LYS A 191 5.23 53.28 -36.76
CA LYS A 191 5.91 54.08 -35.75
C LYS A 191 5.64 53.72 -34.29
N VAL A 192 4.37 53.67 -33.90
CA VAL A 192 4.03 53.36 -32.51
C VAL A 192 3.79 51.88 -32.23
N TYR A 193 4.45 51.38 -31.19
CA TYR A 193 4.30 50.00 -30.78
C TYR A 193 3.85 50.00 -29.33
N ALA A 194 2.65 49.46 -29.10
CA ALA A 194 2.09 49.44 -27.76
C ALA A 194 1.69 48.06 -27.24
N CYS A 195 1.91 47.88 -25.95
CA CYS A 195 1.57 46.64 -25.27
C CYS A 195 0.51 47.00 -24.24
N GLU A 196 -0.72 46.53 -24.43
CA GLU A 196 -1.79 46.83 -23.49
C GLU A 196 -1.99 45.66 -22.54
N VAL A 197 -1.84 45.92 -21.25
CA VAL A 197 -1.99 44.90 -20.23
C VAL A 197 -3.28 44.97 -19.44
N THR A 198 -3.90 43.80 -19.25
CA THR A 198 -5.13 43.69 -18.49
C THR A 198 -4.89 42.69 -17.36
N HIS A 199 -5.01 43.17 -16.13
CA HIS A 199 -4.82 42.34 -14.94
C HIS A 199 -5.68 42.97 -13.85
N GLN A 200 -6.21 42.14 -12.95
CA GLN A 200 -7.07 42.67 -11.90
C GLN A 200 -6.37 43.57 -10.87
N GLY A 201 -5.04 43.57 -10.87
CA GLY A 201 -4.31 44.42 -9.95
C GLY A 201 -4.32 45.83 -10.50
N LEU A 202 -4.77 45.95 -11.74
CA LEU A 202 -4.86 47.23 -12.44
C LEU A 202 -6.35 47.56 -12.62
N SER A 203 -6.78 48.67 -12.05
CA SER A 203 -8.19 49.08 -12.15
C SER A 203 -8.63 49.26 -13.59
N SER A 204 -7.68 49.65 -14.43
CA SER A 204 -7.93 49.84 -15.86
C SER A 204 -6.68 49.39 -16.60
N PRO A 205 -6.84 48.99 -17.87
CA PRO A 205 -5.68 48.53 -18.64
C PRO A 205 -4.52 49.53 -18.69
N VAL A 206 -3.31 48.98 -18.59
CA VAL A 206 -2.10 49.80 -18.65
C VAL A 206 -1.46 49.61 -20.00
N THR A 207 -1.12 50.72 -20.66
CA THR A 207 -0.49 50.63 -21.97
C THR A 207 0.97 51.05 -21.90
N LYS A 208 1.84 50.23 -22.48
CA LYS A 208 3.26 50.52 -22.50
C LYS A 208 3.68 50.59 -23.96
N SER A 209 4.25 51.72 -24.37
CA SER A 209 4.64 51.87 -25.77
C SER A 209 5.92 52.64 -26.04
N PHE A 210 6.34 52.61 -27.29
CA PHE A 210 7.54 53.30 -27.76
C PHE A 210 7.43 53.56 -29.26
N ASN A 211 8.19 54.54 -29.75
CA ASN A 211 8.19 54.85 -31.17
C ASN A 211 9.45 54.24 -31.77
N ARG A 212 9.33 53.69 -32.97
CA ARG A 212 10.48 53.09 -33.64
C ARG A 212 11.63 54.08 -33.67
N GLY A 213 12.79 53.64 -33.18
CA GLY A 213 13.96 54.49 -33.15
C GLY A 213 14.05 55.38 -31.93
N GLU A 214 13.18 55.16 -30.94
CA GLU A 214 13.16 55.98 -29.73
C GLU A 214 14.27 55.64 -28.72
N CYS A 215 14.52 54.35 -28.53
CA CYS A 215 15.55 53.91 -27.58
C CYS A 215 16.72 53.26 -28.31
N GLN B 1 10.22 -0.64 -4.58
CA GLN B 1 11.38 -0.76 -5.50
C GLN B 1 10.89 -0.96 -6.93
N VAL B 2 9.65 -0.58 -7.16
CA VAL B 2 9.03 -0.70 -8.46
C VAL B 2 9.65 0.34 -9.40
N GLN B 3 10.15 -0.11 -10.54
CA GLN B 3 10.76 0.80 -11.51
C GLN B 3 10.23 0.57 -12.91
N LEU B 4 10.01 1.67 -13.62
CA LEU B 4 9.54 1.65 -14.99
C LEU B 4 10.35 2.73 -15.69
N VAL B 5 11.25 2.32 -16.57
CA VAL B 5 12.10 3.26 -17.28
C VAL B 5 11.83 3.25 -18.79
N GLU B 6 11.28 4.34 -19.29
CA GLU B 6 10.99 4.46 -20.72
C GLU B 6 12.20 4.95 -21.49
N SER B 7 12.22 4.64 -22.78
CA SER B 7 13.29 5.05 -23.67
C SER B 7 12.79 4.95 -25.11
N GLY B 8 13.52 5.58 -26.03
CA GLY B 8 13.11 5.53 -27.42
C GLY B 8 12.58 6.87 -27.90
N GLY B 9 12.27 7.75 -26.96
CA GLY B 9 11.76 9.06 -27.32
C GLY B 9 12.76 9.90 -28.08
N GLY B 10 12.24 10.81 -28.89
CA GLY B 10 13.10 11.67 -29.69
C GLY B 10 12.32 12.38 -30.78
N VAL B 11 13.02 12.94 -31.75
CA VAL B 11 12.36 13.64 -32.85
C VAL B 11 12.08 12.68 -33.99
N VAL B 12 10.85 12.72 -34.49
CA VAL B 12 10.44 11.86 -35.59
C VAL B 12 9.75 12.70 -36.65
N GLN B 13 9.98 12.36 -37.92
CA GLN B 13 9.36 13.08 -39.01
C GLN B 13 7.90 12.71 -39.14
N PRO B 14 7.06 13.68 -39.54
CA PRO B 14 5.62 13.42 -39.70
C PRO B 14 5.42 12.29 -40.70
N GLY B 15 4.64 11.29 -40.31
CA GLY B 15 4.39 10.17 -41.19
C GLY B 15 5.33 8.98 -40.99
N ARG B 16 6.42 9.18 -40.26
CA ARG B 16 7.36 8.09 -40.01
C ARG B 16 7.02 7.31 -38.74
N SER B 17 7.90 6.40 -38.34
CA SER B 17 7.64 5.59 -37.17
C SER B 17 8.68 5.69 -36.06
N LEU B 18 8.30 5.23 -34.87
CA LEU B 18 9.16 5.25 -33.70
C LEU B 18 8.64 4.21 -32.72
N ARG B 19 9.55 3.46 -32.12
CA ARG B 19 9.20 2.41 -31.16
C ARG B 19 9.71 2.79 -29.78
N LEU B 20 8.81 2.82 -28.80
CA LEU B 20 9.19 3.17 -27.44
C LEU B 20 9.36 1.90 -26.61
N SER B 21 10.23 1.97 -25.61
CA SER B 21 10.48 0.84 -24.74
C SER B 21 10.28 1.26 -23.29
N CYS B 22 9.98 0.29 -22.46
CA CYS B 22 9.74 0.52 -21.03
C CYS B 22 10.29 -0.69 -20.29
N ALA B 23 11.41 -0.51 -19.61
CA ALA B 23 12.02 -1.59 -18.86
C ALA B 23 11.45 -1.61 -17.45
N ALA B 24 10.89 -2.75 -17.06
CA ALA B 24 10.30 -2.87 -15.73
C ALA B 24 11.10 -3.78 -14.80
N SER B 25 11.04 -3.48 -13.51
CA SER B 25 11.73 -4.24 -12.48
C SER B 25 11.11 -3.90 -11.13
N GLY B 26 11.44 -4.68 -10.11
CA GLY B 26 10.90 -4.42 -8.78
C GLY B 26 9.57 -5.10 -8.52
N PHE B 27 9.04 -5.78 -9.54
CA PHE B 27 7.77 -6.50 -9.40
C PHE B 27 7.64 -7.56 -10.47
N THR B 28 6.65 -8.45 -10.30
CA THR B 28 6.43 -9.53 -11.26
C THR B 28 5.70 -9.01 -12.51
N PHE B 29 6.48 -8.54 -13.47
CA PHE B 29 5.98 -8.00 -14.74
C PHE B 29 4.92 -8.86 -15.43
N SER B 30 5.20 -10.16 -15.56
CA SER B 30 4.29 -11.07 -16.24
C SER B 30 2.92 -11.27 -15.59
N ASN B 31 2.69 -10.66 -14.44
CA ASN B 31 1.41 -10.78 -13.76
C ASN B 31 0.54 -9.55 -13.92
N HIS B 32 1.13 -8.46 -14.40
CA HIS B 32 0.39 -7.21 -14.56
C HIS B 32 0.08 -6.77 -15.98
N GLY B 33 -1.08 -6.13 -16.13
CA GLY B 33 -1.46 -5.59 -17.42
C GLY B 33 -0.69 -4.30 -17.44
N MET B 34 -0.36 -3.80 -18.63
CA MET B 34 0.41 -2.56 -18.72
C MET B 34 -0.27 -1.52 -19.61
N HIS B 35 -0.04 -0.24 -19.30
CA HIS B 35 -0.64 0.85 -20.06
C HIS B 35 0.40 1.83 -20.57
N TRP B 36 -0.03 2.66 -21.51
CA TRP B 36 0.78 3.73 -22.07
C TRP B 36 -0.17 4.92 -22.00
N VAL B 37 0.30 6.01 -21.40
CA VAL B 37 -0.51 7.22 -21.28
C VAL B 37 0.37 8.37 -21.72
N ARG B 38 -0.21 9.32 -22.44
CA ARG B 38 0.58 10.44 -22.91
C ARG B 38 0.03 11.77 -22.41
N GLN B 39 0.87 12.79 -22.48
CA GLN B 39 0.49 14.11 -22.00
C GLN B 39 1.31 15.19 -22.69
N ALA B 40 0.63 16.09 -23.40
CA ALA B 40 1.31 17.18 -24.08
C ALA B 40 1.68 18.19 -23.01
N PRO B 41 2.82 18.87 -23.18
CA PRO B 41 3.28 19.88 -22.21
C PRO B 41 2.19 20.81 -21.69
N GLY B 42 1.95 20.75 -20.38
CA GLY B 42 0.94 21.60 -19.77
C GLY B 42 -0.49 21.20 -20.09
N LYS B 43 -0.67 20.01 -20.65
CA LYS B 43 -2.01 19.54 -21.01
C LYS B 43 -2.46 18.40 -20.12
N ARG B 44 -3.65 17.86 -20.40
CA ARG B 44 -4.21 16.76 -19.62
C ARG B 44 -3.67 15.40 -19.99
N LEU B 45 -3.86 14.43 -19.11
CA LEU B 45 -3.40 13.06 -19.33
C LEU B 45 -4.35 12.38 -20.31
N GLU B 46 -3.80 11.63 -21.26
CA GLU B 46 -4.60 10.93 -22.25
C GLU B 46 -4.17 9.48 -22.36
N TRP B 47 -5.08 8.57 -22.01
CA TRP B 47 -4.80 7.14 -22.07
C TRP B 47 -4.55 6.77 -23.54
N VAL B 48 -3.56 5.92 -23.79
CA VAL B 48 -3.22 5.52 -25.15
C VAL B 48 -3.56 4.06 -25.45
N ALA B 49 -3.08 3.14 -24.62
CA ALA B 49 -3.34 1.73 -24.85
C ALA B 49 -3.07 0.87 -23.61
N VAL B 50 -3.52 -0.37 -23.67
CA VAL B 50 -3.33 -1.33 -22.58
C VAL B 50 -3.14 -2.72 -23.16
N ILE B 51 -2.40 -3.56 -22.45
CA ILE B 51 -2.17 -4.93 -22.88
C ILE B 51 -2.21 -5.87 -21.68
N SER B 52 -2.83 -7.03 -21.85
CA SER B 52 -2.94 -8.01 -20.78
C SER B 52 -1.57 -8.56 -20.40
N TYR B 53 -1.50 -9.20 -19.24
CA TYR B 53 -0.24 -9.75 -18.73
C TYR B 53 0.41 -10.78 -19.64
N ASP B 54 -0.38 -11.49 -20.44
CA ASP B 54 0.17 -12.50 -21.33
C ASP B 54 0.20 -12.03 -22.79
N GLY B 55 -0.12 -10.76 -23.00
CA GLY B 55 -0.11 -10.19 -24.34
C GLY B 55 -1.21 -10.67 -25.27
N ARG B 56 -2.16 -11.44 -24.76
CA ARG B 56 -3.26 -11.95 -25.58
C ARG B 56 -4.29 -10.89 -25.94
N HIS B 57 -4.39 -9.82 -25.16
CA HIS B 57 -5.39 -8.79 -25.43
C HIS B 57 -4.88 -7.35 -25.34
N GLU B 58 -5.35 -6.50 -26.25
CA GLU B 58 -4.97 -5.10 -26.26
C GLU B 58 -6.17 -4.20 -26.56
N HIS B 59 -6.05 -2.93 -26.16
CA HIS B 59 -7.10 -1.95 -26.39
C HIS B 59 -6.42 -0.60 -26.67
N TYR B 60 -6.97 0.17 -27.58
CA TYR B 60 -6.37 1.46 -27.92
C TYR B 60 -7.34 2.62 -27.87
N ALA B 61 -6.80 3.81 -27.70
CA ALA B 61 -7.61 5.02 -27.67
C ALA B 61 -7.99 5.26 -29.13
N ASP B 62 -9.18 5.81 -29.37
CA ASP B 62 -9.61 6.04 -30.74
C ASP B 62 -8.65 6.86 -31.58
N LEU B 63 -7.95 7.81 -30.96
CA LEU B 63 -7.01 8.64 -31.70
C LEU B 63 -5.79 7.91 -32.26
N VAL B 64 -5.47 6.74 -31.71
CA VAL B 64 -4.30 6.00 -32.18
C VAL B 64 -4.63 4.66 -32.84
N LYS B 65 -5.91 4.29 -32.86
CA LYS B 65 -6.31 3.02 -33.46
C LYS B 65 -5.74 2.87 -34.87
N GLY B 66 -5.21 1.69 -35.15
CA GLY B 66 -4.65 1.41 -36.46
C GLY B 66 -3.31 2.05 -36.78
N ARG B 67 -2.78 2.82 -35.83
CA ARG B 67 -1.51 3.50 -36.03
C ARG B 67 -0.47 3.03 -35.01
N PHE B 68 -0.94 2.76 -33.80
CA PHE B 68 -0.06 2.31 -32.72
C PHE B 68 -0.29 0.83 -32.43
N THR B 69 0.75 0.18 -31.91
CA THR B 69 0.68 -1.22 -31.54
C THR B 69 1.40 -1.42 -30.23
N ILE B 70 0.69 -1.95 -29.24
CA ILE B 70 1.30 -2.20 -27.94
C ILE B 70 1.65 -3.69 -27.86
N SER B 71 2.81 -3.98 -27.29
CA SER B 71 3.26 -5.36 -27.16
C SER B 71 4.20 -5.47 -25.97
N ARG B 72 4.57 -6.70 -25.64
CA ARG B 72 5.46 -6.93 -24.51
C ARG B 72 6.28 -8.20 -24.68
N ASP B 73 7.41 -8.24 -23.99
CA ASP B 73 8.29 -9.40 -24.01
C ASP B 73 8.57 -9.72 -22.55
N ASN B 74 7.70 -10.51 -21.95
CA ASN B 74 7.85 -10.86 -20.54
C ASN B 74 9.20 -11.50 -20.19
N SER B 75 9.84 -12.15 -21.16
CA SER B 75 11.12 -12.78 -20.88
C SER B 75 12.20 -11.75 -20.55
N LYS B 76 11.96 -10.50 -20.91
CA LYS B 76 12.92 -9.42 -20.60
C LYS B 76 12.25 -8.26 -19.89
N ASN B 77 11.06 -8.50 -19.35
CA ASN B 77 10.32 -7.47 -18.62
C ASN B 77 10.28 -6.15 -19.38
N THR B 78 10.02 -6.21 -20.68
CA THR B 78 9.96 -5.00 -21.49
C THR B 78 8.60 -4.79 -22.16
N LEU B 79 8.16 -3.53 -22.15
CA LEU B 79 6.90 -3.13 -22.77
C LEU B 79 7.23 -2.25 -23.95
N TYR B 80 6.48 -2.41 -25.05
CA TYR B 80 6.73 -1.61 -26.24
C TYR B 80 5.51 -0.87 -26.74
N LEU B 81 5.77 0.18 -27.52
CA LEU B 81 4.72 0.98 -28.13
C LEU B 81 5.21 1.33 -29.53
N GLN B 82 4.71 0.60 -30.51
CA GLN B 82 5.08 0.83 -31.89
C GLN B 82 4.18 1.93 -32.45
N MET B 83 4.77 3.08 -32.75
CA MET B 83 3.99 4.20 -33.27
C MET B 83 4.28 4.42 -34.76
N ASN B 84 3.23 4.31 -35.57
CA ASN B 84 3.36 4.50 -37.01
C ASN B 84 2.52 5.69 -37.47
N SER B 85 2.83 6.20 -38.66
CA SER B 85 2.11 7.33 -39.23
C SER B 85 1.95 8.44 -38.19
N LEU B 86 3.07 8.83 -37.60
CA LEU B 86 3.06 9.87 -36.58
C LEU B 86 2.59 11.24 -37.07
N ARG B 87 1.84 11.93 -36.22
CA ARG B 87 1.30 13.24 -36.54
C ARG B 87 1.79 14.29 -35.56
N ALA B 88 1.68 15.55 -35.96
CA ALA B 88 2.09 16.65 -35.11
C ALA B 88 1.44 16.58 -33.74
N GLU B 89 0.16 16.23 -33.70
CA GLU B 89 -0.57 16.14 -32.44
C GLU B 89 -0.21 14.94 -31.58
N ASP B 90 0.73 14.11 -32.04
CA ASP B 90 1.14 12.96 -31.24
C ASP B 90 2.26 13.40 -30.32
N ARG B 91 2.70 14.65 -30.48
CA ARG B 91 3.77 15.17 -29.63
C ARG B 91 3.29 15.12 -28.20
N ALA B 92 4.13 14.58 -27.32
CA ALA B 92 3.78 14.48 -25.91
C ALA B 92 4.80 13.65 -25.17
N LEU B 93 4.65 13.62 -23.86
CA LEU B 93 5.51 12.84 -23.00
C LEU B 93 4.77 11.52 -22.84
N TYR B 94 5.43 10.43 -23.20
CA TYR B 94 4.78 9.13 -23.10
C TYR B 94 5.18 8.36 -21.84
N PHE B 95 4.17 8.02 -21.05
CA PHE B 95 4.38 7.28 -19.81
C PHE B 95 3.93 5.84 -19.95
N CYS B 96 4.69 4.92 -19.37
CA CYS B 96 4.26 3.53 -19.36
C CYS B 96 3.85 3.37 -17.92
N ALA B 97 2.67 2.81 -17.70
CA ALA B 97 2.18 2.64 -16.36
C ALA B 97 1.72 1.23 -16.08
N ARG B 98 1.82 0.85 -14.82
CA ARG B 98 1.44 -0.48 -14.38
C ARG B 98 0.02 -0.41 -13.79
N GLU B 99 -0.75 -1.48 -13.97
CA GLU B 99 -2.09 -1.52 -13.40
C GLU B 99 -2.09 -2.64 -12.38
N GLY B 100 -2.92 -2.51 -11.35
CA GLY B 100 -2.98 -3.50 -10.29
C GLY B 100 -3.43 -4.88 -10.71
N LEU B 101 -3.12 -5.87 -9.87
CA LEU B 101 -3.49 -7.26 -10.13
C LEU B 101 -5.00 -7.43 -10.07
N SER B 102 -5.50 -8.40 -10.82
CA SER B 102 -6.94 -8.67 -10.88
C SER B 102 -7.39 -9.70 -9.84
N ARG B 103 -8.67 -9.66 -9.50
CA ARG B 103 -9.23 -10.59 -8.53
C ARG B 103 -8.92 -12.02 -8.94
N ASP B 104 -9.10 -12.31 -10.21
CA ASP B 104 -8.91 -13.65 -10.77
C ASP B 104 -7.63 -14.04 -11.50
N ASN B 105 -6.61 -13.17 -11.52
CA ASN B 105 -5.37 -13.52 -12.22
C ASN B 105 -5.74 -13.70 -13.71
N SER B 106 -6.63 -12.84 -14.22
CA SER B 106 -7.04 -12.96 -15.62
C SER B 106 -7.54 -11.68 -16.30
N GLY B 107 -8.48 -10.97 -15.66
CA GLY B 107 -9.01 -9.77 -16.28
C GLY B 107 -8.24 -8.48 -16.03
N PHE B 108 -8.68 -7.41 -16.69
CA PHE B 108 -8.05 -6.10 -16.56
C PHE B 108 -8.65 -5.41 -15.34
N THR B 109 -7.94 -4.43 -14.79
CA THR B 109 -8.43 -3.71 -13.61
C THR B 109 -8.58 -2.23 -13.93
N GLY B 110 -7.65 -1.69 -14.71
CA GLY B 110 -7.72 -0.29 -15.05
C GLY B 110 -7.23 0.55 -13.88
N LEU B 111 -6.70 -0.12 -12.86
CA LEU B 111 -6.20 0.55 -11.68
C LEU B 111 -4.71 0.82 -11.85
N ILE B 112 -4.40 1.88 -12.57
CA ILE B 112 -3.03 2.30 -12.84
C ILE B 112 -2.41 2.78 -11.52
N ASP B 113 -1.41 2.04 -11.02
CA ASP B 113 -0.78 2.38 -9.75
C ASP B 113 0.67 2.89 -9.72
N TYR B 114 1.43 2.63 -10.79
CA TYR B 114 2.82 3.09 -10.84
C TYR B 114 3.12 3.65 -12.22
N TRP B 115 3.76 4.82 -12.26
CA TRP B 115 4.10 5.46 -13.53
C TRP B 115 5.59 5.68 -13.70
N GLY B 116 6.05 5.57 -14.94
CA GLY B 116 7.46 5.81 -15.22
C GLY B 116 7.50 7.33 -15.36
N GLN B 117 8.68 7.92 -15.49
CA GLN B 117 8.75 9.37 -15.64
C GLN B 117 8.55 9.82 -17.09
N GLY B 118 8.39 8.85 -17.98
CA GLY B 118 8.16 9.14 -19.39
C GLY B 118 9.32 9.43 -20.32
N THR B 119 9.02 9.38 -21.62
CA THR B 119 9.98 9.65 -22.68
C THR B 119 9.30 10.60 -23.66
N MET B 120 9.98 11.69 -24.00
CA MET B 120 9.42 12.70 -24.90
C MET B 120 9.47 12.36 -26.39
N VAL B 121 8.35 12.57 -27.08
CA VAL B 121 8.26 12.31 -28.50
C VAL B 121 7.88 13.62 -29.20
N THR B 122 8.72 14.05 -30.14
CA THR B 122 8.49 15.27 -30.89
C THR B 122 8.36 14.93 -32.36
N VAL B 123 7.26 15.36 -32.98
CA VAL B 123 7.03 15.08 -34.39
C VAL B 123 7.22 16.34 -35.23
N SER B 124 8.36 16.45 -35.88
CA SER B 124 8.68 17.60 -36.71
C SER B 124 9.70 17.25 -37.78
N SER B 125 9.72 18.03 -38.86
CA SER B 125 10.66 17.80 -39.94
C SER B 125 11.75 18.87 -39.94
N ALA B 126 11.80 19.64 -38.85
CA ALA B 126 12.77 20.70 -38.70
C ALA B 126 14.17 20.14 -38.46
N SER B 127 15.18 20.82 -38.97
CA SER B 127 16.57 20.39 -38.80
C SER B 127 17.14 20.95 -37.50
N THR B 128 18.00 20.16 -36.85
CA THR B 128 18.64 20.60 -35.61
C THR B 128 19.32 21.94 -35.91
N LYS B 129 19.15 22.89 -35.01
CA LYS B 129 19.74 24.21 -35.21
C LYS B 129 19.95 24.98 -33.92
N GLY B 130 21.15 25.53 -33.77
CA GLY B 130 21.45 26.31 -32.59
C GLY B 130 20.68 27.62 -32.64
N PRO B 131 20.47 28.27 -31.49
CA PRO B 131 19.72 29.53 -31.47
C PRO B 131 20.51 30.79 -31.76
N SER B 132 19.78 31.85 -32.08
CA SER B 132 20.35 33.16 -32.30
C SER B 132 19.97 33.85 -31.00
N VAL B 133 20.92 34.50 -30.35
CA VAL B 133 20.62 35.16 -29.09
C VAL B 133 20.69 36.68 -29.25
N PHE B 134 19.58 37.33 -28.98
CA PHE B 134 19.50 38.79 -29.08
C PHE B 134 19.29 39.41 -27.71
N PRO B 135 19.91 40.57 -27.46
CA PRO B 135 19.77 41.23 -26.16
C PRO B 135 18.50 42.04 -26.01
N LEU B 136 17.95 42.00 -24.80
CA LEU B 136 16.77 42.77 -24.44
C LEU B 136 17.36 43.78 -23.49
N ALA B 137 17.97 44.81 -24.06
CA ALA B 137 18.65 45.87 -23.32
C ALA B 137 17.79 46.75 -22.43
N PRO B 138 18.30 47.09 -21.25
CA PRO B 138 17.56 47.94 -20.31
C PRO B 138 17.56 49.39 -20.80
N SER B 139 16.40 50.03 -20.71
CA SER B 139 16.26 51.42 -21.15
C SER B 139 15.10 52.04 -20.36
N SER B 140 14.78 53.28 -20.69
CA SER B 140 13.69 53.98 -20.01
C SER B 140 12.41 53.16 -20.12
N LYS B 141 12.22 52.52 -21.27
CA LYS B 141 11.03 51.72 -21.52
C LYS B 141 10.97 50.40 -20.75
N SER B 142 12.08 50.01 -20.13
CA SER B 142 12.12 48.76 -19.39
C SER B 142 12.65 48.97 -17.98
N THR B 143 12.47 50.17 -17.44
CA THR B 143 12.93 50.50 -16.10
C THR B 143 11.83 51.24 -15.35
N SER B 144 11.40 50.69 -14.22
CA SER B 144 10.35 51.30 -13.43
C SER B 144 10.69 51.41 -11.95
N GLY B 145 10.56 52.62 -11.41
CA GLY B 145 10.82 52.87 -10.00
C GLY B 145 11.99 52.18 -9.34
N GLY B 146 13.20 52.48 -9.80
CA GLY B 146 14.39 51.89 -9.22
C GLY B 146 14.74 50.50 -9.71
N THR B 147 13.86 49.90 -10.51
CA THR B 147 14.12 48.55 -11.03
C THR B 147 14.22 48.53 -12.55
N ALA B 148 15.25 47.86 -13.04
CA ALA B 148 15.47 47.75 -14.48
C ALA B 148 15.34 46.29 -14.90
N ALA B 149 14.69 46.08 -16.05
CA ALA B 149 14.52 44.74 -16.58
C ALA B 149 15.35 44.61 -17.84
N LEU B 150 15.99 43.46 -18.00
CA LEU B 150 16.84 43.19 -19.15
C LEU B 150 16.78 41.69 -19.38
N GLY B 151 17.18 41.25 -20.57
CA GLY B 151 17.16 39.83 -20.84
C GLY B 151 17.74 39.43 -22.18
N CYS B 152 17.44 38.21 -22.60
CA CYS B 152 17.93 37.69 -23.86
C CYS B 152 16.85 36.92 -24.60
N LEU B 153 16.76 37.16 -25.90
CA LEU B 153 15.79 36.48 -26.74
C LEU B 153 16.53 35.32 -27.40
N VAL B 154 16.25 34.09 -26.96
CA VAL B 154 16.88 32.90 -27.52
C VAL B 154 15.92 32.43 -28.61
N LYS B 155 16.21 32.82 -29.83
CA LYS B 155 15.34 32.52 -30.97
C LYS B 155 15.84 31.56 -32.06
N ASP B 156 14.88 30.91 -32.70
CA ASP B 156 15.10 29.97 -33.80
C ASP B 156 16.05 28.81 -33.57
N TYR B 157 15.69 27.92 -32.63
CA TYR B 157 16.50 26.75 -32.36
C TYR B 157 15.64 25.50 -32.39
N PHE B 158 16.28 24.35 -32.61
CA PHE B 158 15.57 23.08 -32.65
C PHE B 158 16.56 21.94 -32.46
N PRO B 159 16.21 20.96 -31.61
CA PRO B 159 14.96 20.91 -30.86
C PRO B 159 15.20 21.45 -29.47
N GLU B 160 14.22 21.29 -28.58
CA GLU B 160 14.39 21.73 -27.20
C GLU B 160 15.39 20.73 -26.61
N PRO B 161 16.06 21.11 -25.52
CA PRO B 161 15.94 22.38 -24.82
C PRO B 161 17.22 23.22 -24.91
N VAL B 162 17.15 24.41 -24.35
CA VAL B 162 18.27 25.32 -24.27
C VAL B 162 18.34 25.65 -22.79
N THR B 163 19.51 26.02 -22.31
CA THR B 163 19.65 26.39 -20.92
C THR B 163 20.20 27.81 -20.90
N VAL B 164 19.73 28.61 -19.96
CA VAL B 164 20.19 29.98 -19.87
C VAL B 164 20.57 30.32 -18.44
N SER B 165 21.76 30.90 -18.28
CA SER B 165 22.24 31.30 -16.98
C SER B 165 22.70 32.74 -17.14
N TRP B 166 22.84 33.45 -16.03
CA TRP B 166 23.28 34.84 -16.11
C TRP B 166 24.60 35.05 -15.39
N ASN B 167 25.48 35.82 -16.03
CA ASN B 167 26.80 36.12 -15.49
C ASN B 167 27.50 34.85 -14.99
N SER B 168 27.53 33.84 -15.86
CA SER B 168 28.16 32.56 -15.57
C SER B 168 27.60 31.85 -14.35
N GLY B 169 26.34 32.13 -14.03
CA GLY B 169 25.71 31.47 -12.89
C GLY B 169 25.76 32.24 -11.59
N ALA B 170 26.44 33.38 -11.57
CA ALA B 170 26.55 34.19 -10.36
C ALA B 170 25.25 34.95 -10.09
N LEU B 171 24.47 35.18 -11.15
CA LEU B 171 23.21 35.91 -11.02
C LEU B 171 22.03 34.95 -11.17
N THR B 172 21.31 34.74 -10.07
CA THR B 172 20.15 33.85 -10.07
C THR B 172 18.90 34.55 -9.55
N SER B 173 19.09 35.52 -8.66
CA SER B 173 17.97 36.25 -8.07
C SER B 173 17.28 37.17 -9.07
N GLY B 174 15.96 37.06 -9.15
CA GLY B 174 15.19 37.89 -10.07
C GLY B 174 15.14 37.37 -11.48
N VAL B 175 15.73 36.19 -11.71
CA VAL B 175 15.75 35.60 -13.05
C VAL B 175 14.51 34.79 -13.37
N HIS B 176 13.99 35.01 -14.57
CA HIS B 176 12.81 34.30 -15.05
C HIS B 176 13.07 33.83 -16.48
N THR B 177 13.15 32.51 -16.65
CA THR B 177 13.38 31.94 -17.97
C THR B 177 12.03 31.30 -18.31
N PHE B 178 11.38 31.84 -19.33
CA PHE B 178 10.06 31.36 -19.74
C PHE B 178 10.03 30.09 -20.57
N PRO B 179 8.88 29.41 -20.57
CA PRO B 179 8.69 28.18 -21.34
C PRO B 179 8.90 28.50 -22.81
N ALA B 180 9.57 27.60 -23.53
CA ALA B 180 9.82 27.82 -24.95
C ALA B 180 8.48 27.85 -25.68
N VAL B 181 8.46 28.51 -26.83
CA VAL B 181 7.25 28.62 -27.64
C VAL B 181 7.59 28.19 -29.07
N LEU B 182 6.69 27.44 -29.69
CA LEU B 182 6.91 26.94 -31.06
C LEU B 182 6.41 27.94 -32.09
N GLN B 183 7.30 28.40 -32.96
CA GLN B 183 6.93 29.37 -34.01
C GLN B 183 6.42 28.61 -35.23
N SER B 184 5.72 29.31 -36.12
CA SER B 184 5.18 28.68 -37.32
C SER B 184 6.30 28.17 -38.23
N SER B 185 7.52 28.64 -37.98
CA SER B 185 8.68 28.22 -38.77
C SER B 185 9.12 26.82 -38.34
N GLY B 186 8.55 26.33 -37.25
CA GLY B 186 8.91 25.01 -36.76
C GLY B 186 10.05 25.09 -35.77
N LEU B 187 10.56 26.30 -35.56
CA LEU B 187 11.66 26.53 -34.64
C LEU B 187 11.17 27.12 -33.32
N TYR B 188 11.87 26.81 -32.24
CA TYR B 188 11.49 27.30 -30.93
C TYR B 188 12.05 28.68 -30.62
N SER B 189 11.48 29.29 -29.60
CA SER B 189 11.90 30.61 -29.16
C SER B 189 11.53 30.77 -27.69
N LEU B 190 12.43 31.36 -26.91
CA LEU B 190 12.15 31.60 -25.52
C LEU B 190 12.91 32.83 -25.06
N SER B 191 12.42 33.42 -23.98
CA SER B 191 13.04 34.61 -23.43
C SER B 191 13.46 34.36 -21.99
N SER B 192 14.56 34.98 -21.60
CA SER B 192 15.06 34.87 -20.23
C SER B 192 15.32 36.29 -19.79
N VAL B 193 14.66 36.71 -18.70
CA VAL B 193 14.83 38.05 -18.20
C VAL B 193 15.27 38.06 -16.76
N VAL B 194 15.66 39.24 -16.28
CA VAL B 194 16.09 39.41 -14.91
C VAL B 194 15.91 40.88 -14.57
N THR B 195 15.45 41.14 -13.35
CA THR B 195 15.25 42.51 -12.90
C THR B 195 16.34 42.82 -11.90
N VAL B 196 16.94 44.00 -12.04
CA VAL B 196 18.02 44.42 -11.16
C VAL B 196 17.84 45.89 -10.81
N PRO B 197 18.52 46.37 -9.75
CA PRO B 197 18.40 47.77 -9.36
C PRO B 197 18.95 48.66 -10.47
N SER B 198 18.23 49.72 -10.81
CA SER B 198 18.69 50.62 -11.86
C SER B 198 20.09 51.12 -11.54
N SER B 199 20.38 51.24 -10.25
CA SER B 199 21.68 51.72 -9.77
C SER B 199 22.85 50.82 -10.11
N SER B 200 22.58 49.61 -10.59
CA SER B 200 23.64 48.66 -10.91
C SER B 200 24.01 48.64 -12.39
N LEU B 201 23.22 49.31 -13.23
CA LEU B 201 23.48 49.33 -14.66
C LEU B 201 24.84 49.87 -15.07
N GLY B 202 25.41 50.76 -14.26
CA GLY B 202 26.71 51.32 -14.61
C GLY B 202 27.89 50.66 -13.93
N THR B 203 27.62 49.81 -12.94
CA THR B 203 28.69 49.14 -12.20
C THR B 203 28.73 47.63 -12.40
N GLN B 204 27.72 47.07 -13.03
CA GLN B 204 27.68 45.62 -13.23
C GLN B 204 27.30 45.25 -14.66
N THR B 205 28.13 44.45 -15.30
CA THR B 205 27.84 44.00 -16.66
C THR B 205 26.89 42.83 -16.55
N TYR B 206 26.08 42.61 -17.58
CA TYR B 206 25.14 41.51 -17.59
C TYR B 206 25.31 40.71 -18.86
N ILE B 207 25.47 39.41 -18.70
CA ILE B 207 25.68 38.51 -19.84
C ILE B 207 24.86 37.24 -19.67
N CYS B 208 24.12 36.86 -20.70
CA CYS B 208 23.33 35.64 -20.63
C CYS B 208 24.11 34.51 -21.30
N ASN B 209 24.27 33.42 -20.58
CA ASN B 209 24.99 32.26 -21.10
C ASN B 209 23.98 31.25 -21.61
N VAL B 210 23.91 31.11 -22.93
CA VAL B 210 22.97 30.19 -23.56
C VAL B 210 23.66 28.94 -24.09
N ASN B 211 23.06 27.79 -23.83
CA ASN B 211 23.62 26.53 -24.30
C ASN B 211 22.55 25.67 -24.95
N HIS B 212 22.88 25.14 -26.14
CA HIS B 212 21.97 24.27 -26.87
C HIS B 212 22.79 23.03 -27.18
N LYS B 213 22.72 22.04 -26.30
CA LYS B 213 23.51 20.84 -26.48
C LYS B 213 23.16 19.93 -27.67
N PRO B 214 21.93 20.02 -28.20
CA PRO B 214 21.65 19.15 -29.34
C PRO B 214 22.48 19.55 -30.56
N SER B 215 22.83 20.82 -30.65
CA SER B 215 23.64 21.34 -31.75
C SER B 215 25.01 21.69 -31.22
N ASN B 216 25.23 21.42 -29.94
CA ASN B 216 26.49 21.72 -29.28
C ASN B 216 26.95 23.14 -29.61
N THR B 217 26.07 24.09 -29.37
CA THR B 217 26.38 25.49 -29.63
C THR B 217 26.30 26.28 -28.34
N LYS B 218 27.27 27.19 -28.16
CA LYS B 218 27.31 28.03 -26.98
C LYS B 218 27.31 29.48 -27.40
N VAL B 219 26.56 30.30 -26.68
CA VAL B 219 26.50 31.71 -26.99
C VAL B 219 26.41 32.53 -25.71
N ASP B 220 27.30 33.51 -25.60
CA ASP B 220 27.32 34.40 -24.45
C ASP B 220 27.02 35.78 -25.01
N LYS B 221 25.86 36.31 -24.67
CA LYS B 221 25.46 37.62 -25.17
C LYS B 221 25.50 38.71 -24.12
N LYS B 222 26.26 39.75 -24.40
CA LYS B 222 26.36 40.90 -23.50
C LYS B 222 25.11 41.74 -23.67
N VAL B 223 24.50 42.13 -22.57
CA VAL B 223 23.30 42.96 -22.61
C VAL B 223 23.65 44.30 -22.01
N GLU B 224 23.78 45.32 -22.86
CA GLU B 224 24.15 46.65 -22.39
C GLU B 224 23.01 47.65 -22.39
N PRO B 225 23.01 48.57 -21.40
CA PRO B 225 21.95 49.58 -21.33
C PRO B 225 22.01 50.56 -22.51
N LYS B 226 20.86 51.08 -22.89
CA LYS B 226 20.75 52.02 -23.98
C LYS B 226 20.16 53.34 -23.51
N SER B 227 20.49 54.41 -24.22
CA SER B 227 19.95 55.73 -23.90
C SER B 227 18.63 55.75 -24.67
N CYS B 228 17.75 56.70 -24.37
CA CYS B 228 16.48 56.77 -25.07
C CYS B 228 15.98 58.20 -25.24
N ASP B 229 15.28 58.43 -26.35
CA ASP B 229 14.67 59.73 -26.72
C ASP B 229 15.26 60.51 -27.88
N GLU C 1 -5.90 1.53 30.63
CA GLU C 1 -5.72 1.09 29.22
C GLU C 1 -7.06 1.09 28.50
N VAL C 2 -7.00 1.01 27.18
CA VAL C 2 -8.21 0.97 26.37
C VAL C 2 -8.59 -0.48 26.16
N VAL C 3 -9.74 -0.88 26.71
CA VAL C 3 -10.21 -2.25 26.58
C VAL C 3 -11.00 -2.42 25.29
N LEU C 4 -10.60 -3.39 24.48
CA LEU C 4 -11.29 -3.65 23.22
C LEU C 4 -12.08 -4.95 23.35
N THR C 5 -13.37 -4.87 23.07
CA THR C 5 -14.23 -6.05 23.15
C THR C 5 -14.85 -6.33 21.80
N GLN C 6 -14.51 -7.48 21.22
CA GLN C 6 -15.04 -7.84 19.91
C GLN C 6 -16.31 -8.67 20.03
N SER C 7 -17.18 -8.53 19.04
CA SER C 7 -18.44 -9.26 19.02
C SER C 7 -18.80 -9.56 17.56
N PRO C 8 -19.20 -10.81 17.28
CA PRO C 8 -19.31 -11.92 18.24
C PRO C 8 -17.98 -12.60 18.46
N ALA C 9 -17.95 -13.56 19.38
CA ALA C 9 -16.73 -14.30 19.66
C ALA C 9 -16.45 -15.25 18.50
N THR C 10 -17.52 -15.83 17.96
CA THR C 10 -17.42 -16.74 16.83
C THR C 10 -18.53 -16.44 15.83
N LEU C 11 -18.15 -16.13 14.59
CA LEU C 11 -19.11 -15.83 13.55
C LEU C 11 -19.15 -17.00 12.58
N SER C 12 -20.33 -17.58 12.40
CA SER C 12 -20.50 -18.72 11.50
C SER C 12 -21.25 -18.31 10.25
N LEU C 13 -20.56 -18.30 9.12
CA LEU C 13 -21.16 -17.92 7.85
C LEU C 13 -20.67 -18.84 6.74
N SER C 14 -21.32 -18.78 5.59
CA SER C 14 -20.93 -19.60 4.46
C SER C 14 -20.42 -18.73 3.32
N PRO C 15 -19.60 -19.30 2.43
CA PRO C 15 -19.05 -18.55 1.29
C PRO C 15 -20.12 -17.76 0.56
N GLY C 16 -19.80 -16.52 0.20
CA GLY C 16 -20.75 -15.68 -0.52
C GLY C 16 -21.55 -14.77 0.38
N GLU C 17 -21.73 -15.17 1.64
CA GLU C 17 -22.47 -14.35 2.59
C GLU C 17 -21.50 -13.29 3.08
N ARG C 18 -21.97 -12.36 3.90
CA ARG C 18 -21.06 -11.34 4.38
C ARG C 18 -21.02 -11.20 5.89
N ALA C 19 -19.81 -11.00 6.39
CA ALA C 19 -19.58 -10.86 7.81
C ALA C 19 -19.53 -9.43 8.33
N THR C 20 -19.96 -9.27 9.57
CA THR C 20 -19.98 -7.99 10.26
C THR C 20 -19.38 -8.27 11.63
N ILE C 21 -18.16 -7.83 11.83
CA ILE C 21 -17.46 -8.04 13.09
C ILE C 21 -17.30 -6.70 13.78
N SER C 22 -17.64 -6.65 15.06
CA SER C 22 -17.55 -5.40 15.82
C SER C 22 -16.41 -5.36 16.81
N CYS C 23 -15.92 -4.15 17.04
CA CYS C 23 -14.84 -3.89 17.98
C CYS C 23 -15.27 -2.65 18.75
N ARG C 24 -15.41 -2.76 20.06
CA ARG C 24 -15.83 -1.63 20.86
C ARG C 24 -14.82 -1.29 21.95
N ALA C 25 -14.42 -0.02 22.00
CA ALA C 25 -13.45 0.45 22.96
C ALA C 25 -14.06 1.07 24.22
N SER C 26 -13.36 0.90 25.34
CA SER C 26 -13.80 1.43 26.63
C SER C 26 -13.79 2.96 26.63
N GLN C 27 -13.00 3.55 25.74
CA GLN C 27 -12.91 4.99 25.60
C GLN C 27 -12.56 5.31 24.15
N SER C 28 -12.86 6.54 23.73
CA SER C 28 -12.61 6.95 22.36
C SER C 28 -11.15 6.86 21.92
N VAL C 29 -10.93 6.40 20.69
CA VAL C 29 -9.60 6.27 20.12
C VAL C 29 -9.61 6.92 18.74
N GLY C 30 -10.61 7.75 18.49
CA GLY C 30 -10.74 8.42 17.21
C GLY C 30 -10.90 7.41 16.08
N GLY C 31 -10.06 7.54 15.06
CA GLY C 31 -10.11 6.62 13.94
C GLY C 31 -8.88 5.75 13.97
N TYR C 32 -8.15 5.82 15.07
CA TYR C 32 -6.93 5.05 15.25
C TYR C 32 -7.19 3.58 15.56
N LEU C 33 -7.81 2.89 14.62
CA LEU C 33 -8.09 1.47 14.80
C LEU C 33 -7.61 0.65 13.61
N THR C 34 -6.96 -0.47 13.91
CA THR C 34 -6.43 -1.36 12.88
C THR C 34 -7.06 -2.74 12.99
N TRP C 35 -7.22 -3.40 11.85
CA TRP C 35 -7.78 -4.74 11.81
C TRP C 35 -6.76 -5.72 11.25
N TYR C 36 -6.68 -6.89 11.87
CA TYR C 36 -5.73 -7.92 11.44
C TYR C 36 -6.44 -9.24 11.17
N GLN C 37 -5.83 -10.05 10.32
CA GLN C 37 -6.35 -11.37 10.00
C GLN C 37 -5.25 -12.32 10.40
N GLN C 38 -5.59 -13.43 11.03
CA GLN C 38 -4.57 -14.37 11.43
C GLN C 38 -5.01 -15.81 11.26
N LYS C 39 -4.25 -16.55 10.46
CA LYS C 39 -4.54 -17.95 10.21
C LYS C 39 -3.61 -18.83 11.03
N PRO C 40 -4.11 -20.01 11.45
CA PRO C 40 -3.30 -20.93 12.24
C PRO C 40 -1.88 -21.12 11.73
N GLY C 41 -0.92 -21.02 12.66
CA GLY C 41 0.47 -21.18 12.32
C GLY C 41 1.16 -19.98 11.69
N GLN C 42 0.42 -18.90 11.44
CA GLN C 42 1.00 -17.71 10.82
C GLN C 42 0.88 -16.48 11.70
N ALA C 43 1.62 -15.43 11.32
CA ALA C 43 1.60 -14.17 12.04
C ALA C 43 0.40 -13.37 11.55
N PRO C 44 -0.02 -12.37 12.33
CA PRO C 44 -1.17 -11.54 11.94
C PRO C 44 -0.84 -10.81 10.64
N ARG C 45 -1.87 -10.45 9.88
CA ARG C 45 -1.67 -9.75 8.62
C ARG C 45 -2.51 -8.49 8.56
N LEU C 46 -1.86 -7.36 8.33
CA LEU C 46 -2.54 -6.08 8.26
C LEU C 46 -3.60 -6.04 7.17
N LEU C 47 -4.83 -5.74 7.56
CA LEU C 47 -5.95 -5.66 6.63
C LEU C 47 -6.36 -4.22 6.42
N ILE C 48 -6.69 -3.55 7.53
CA ILE C 48 -7.14 -2.17 7.49
C ILE C 48 -6.58 -1.34 8.65
N TYR C 49 -6.23 -0.10 8.35
CA TYR C 49 -5.73 0.82 9.37
C TYR C 49 -6.50 2.13 9.28
N ASP C 50 -6.44 2.92 10.35
CA ASP C 50 -7.15 4.19 10.41
C ASP C 50 -8.65 3.95 10.22
N ALA C 51 -9.12 2.84 10.77
CA ALA C 51 -10.52 2.44 10.73
C ALA C 51 -11.13 2.04 9.39
N SER C 52 -10.76 2.71 8.31
CA SER C 52 -11.36 2.39 7.01
C SER C 52 -10.42 2.25 5.82
N ASN C 53 -9.12 2.39 6.05
CA ASN C 53 -8.18 2.30 4.93
C ASN C 53 -7.53 0.94 4.76
N ARG C 54 -7.83 0.31 3.62
CA ARG C 54 -7.26 -1.00 3.29
C ARG C 54 -5.79 -0.89 2.98
N ALA C 55 -5.03 -1.91 3.39
CA ALA C 55 -3.59 -1.93 3.12
C ALA C 55 -3.40 -2.42 1.70
N THR C 56 -2.20 -2.23 1.17
CA THR C 56 -1.86 -2.65 -0.18
C THR C 56 -2.25 -4.09 -0.46
N GLY C 57 -2.88 -4.32 -1.62
CA GLY C 57 -3.26 -5.68 -2.00
C GLY C 57 -4.52 -6.25 -1.37
N ILE C 58 -5.01 -5.65 -0.29
CA ILE C 58 -6.21 -6.14 0.37
C ILE C 58 -7.43 -5.87 -0.52
N PRO C 59 -8.20 -6.92 -0.86
CA PRO C 59 -9.39 -6.77 -1.70
C PRO C 59 -10.51 -5.88 -1.17
N ALA C 60 -11.21 -5.25 -2.11
CA ALA C 60 -12.31 -4.32 -1.81
C ALA C 60 -13.47 -4.91 -1.02
N ARG C 61 -13.59 -6.24 -0.97
CA ARG C 61 -14.69 -6.84 -0.23
C ARG C 61 -14.51 -6.62 1.27
N PHE C 62 -13.31 -6.16 1.66
CA PHE C 62 -13.01 -5.86 3.04
C PHE C 62 -13.20 -4.36 3.23
N SER C 63 -13.98 -3.97 4.22
CA SER C 63 -14.20 -2.55 4.48
C SER C 63 -14.37 -2.31 5.97
N GLY C 64 -13.78 -1.22 6.45
CA GLY C 64 -13.89 -0.89 7.85
C GLY C 64 -14.63 0.42 8.04
N SER C 65 -15.34 0.55 9.16
CA SER C 65 -16.08 1.76 9.44
C SER C 65 -16.14 2.02 10.94
N GLY C 66 -16.60 3.21 11.30
CA GLY C 66 -16.70 3.56 12.70
C GLY C 66 -15.68 4.60 13.13
N SER C 67 -15.83 5.07 14.36
CA SER C 67 -14.95 6.07 14.95
C SER C 67 -15.32 6.17 16.42
N GLY C 68 -14.39 6.68 17.23
CA GLY C 68 -14.68 6.82 18.65
C GLY C 68 -14.56 5.52 19.42
N THR C 69 -15.69 4.85 19.67
CA THR C 69 -15.69 3.61 20.42
C THR C 69 -16.24 2.40 19.69
N ASP C 70 -17.04 2.61 18.65
CA ASP C 70 -17.62 1.48 17.92
C ASP C 70 -17.10 1.37 16.49
N PHE C 71 -16.44 0.25 16.20
CA PHE C 71 -15.89 0.00 14.87
C PHE C 71 -16.46 -1.28 14.28
N THR C 72 -16.51 -1.33 12.95
CA THR C 72 -17.05 -2.50 12.27
C THR C 72 -16.18 -2.96 11.11
N LEU C 73 -15.99 -4.27 11.01
CA LEU C 73 -15.23 -4.84 9.92
C LEU C 73 -16.25 -5.63 9.12
N THR C 74 -16.44 -5.24 7.87
CA THR C 74 -17.41 -5.92 7.02
C THR C 74 -16.70 -6.62 5.88
N ILE C 75 -17.06 -7.88 5.64
CA ILE C 75 -16.45 -8.66 4.57
C ILE C 75 -17.58 -9.20 3.69
N SER C 76 -17.75 -8.61 2.52
CA SER C 76 -18.80 -9.04 1.61
C SER C 76 -18.31 -10.21 0.76
N GLY C 77 -19.24 -10.99 0.22
CA GLY C 77 -18.89 -12.13 -0.61
C GLY C 77 -17.76 -12.97 -0.06
N LEU C 78 -17.92 -13.48 1.16
CA LEU C 78 -16.91 -14.30 1.79
C LEU C 78 -16.36 -15.38 0.88
N GLU C 79 -15.04 -15.51 0.88
CA GLU C 79 -14.38 -16.53 0.07
C GLU C 79 -13.70 -17.50 1.04
N PRO C 80 -13.44 -18.73 0.58
CA PRO C 80 -12.81 -19.76 1.42
C PRO C 80 -11.60 -19.30 2.22
N GLU C 81 -10.78 -18.44 1.64
CA GLU C 81 -9.58 -17.95 2.31
C GLU C 81 -9.83 -16.88 3.38
N ASP C 82 -11.07 -16.45 3.52
CA ASP C 82 -11.39 -15.42 4.51
C ASP C 82 -11.67 -15.98 5.90
N PHE C 83 -11.93 -17.27 5.99
CA PHE C 83 -12.22 -17.88 7.28
C PHE C 83 -10.95 -18.03 8.10
N ALA C 84 -10.86 -17.21 9.14
CA ALA C 84 -9.71 -17.19 10.04
C ALA C 84 -10.10 -16.43 11.30
N ILE C 85 -9.10 -15.97 12.04
CA ILE C 85 -9.33 -15.20 13.26
C ILE C 85 -9.09 -13.73 12.95
N TYR C 86 -9.93 -12.87 13.51
CA TYR C 86 -9.77 -11.43 13.28
C TYR C 86 -9.57 -10.66 14.58
N TYR C 87 -8.66 -9.69 14.55
CA TYR C 87 -8.35 -8.88 15.71
C TYR C 87 -8.34 -7.40 15.40
N CYS C 88 -8.74 -6.60 16.37
CA CYS C 88 -8.70 -5.16 16.19
C CYS C 88 -7.63 -4.68 17.16
N GLN C 89 -6.99 -3.57 16.80
CA GLN C 89 -5.94 -3.02 17.63
C GLN C 89 -6.06 -1.51 17.60
N GLN C 90 -5.91 -0.88 18.76
CA GLN C 90 -6.03 0.57 18.84
C GLN C 90 -4.66 1.20 19.05
N ARG C 91 -4.51 2.42 18.53
CA ARG C 91 -3.26 3.17 18.66
C ARG C 91 -3.61 4.63 18.93
N GLY C 92 -4.74 4.83 19.60
CA GLY C 92 -5.20 6.18 19.91
C GLY C 92 -4.80 6.60 21.31
N ASN C 93 -4.78 5.65 22.25
CA ASN C 93 -4.40 5.94 23.63
C ASN C 93 -3.46 4.83 24.08
N TRP C 94 -2.16 5.10 24.00
CA TRP C 94 -1.15 4.12 24.39
C TRP C 94 0.16 4.81 24.71
N PRO C 95 1.10 4.09 25.34
CA PRO C 95 0.99 2.69 25.76
C PRO C 95 -0.01 2.47 26.89
N PRO C 96 -0.47 1.22 27.06
CA PRO C 96 -0.08 0.06 26.25
C PRO C 96 -0.94 -0.09 25.00
N ILE C 97 -0.37 -0.70 23.96
CA ILE C 97 -1.13 -0.96 22.75
C ILE C 97 -2.01 -2.13 23.11
N THR C 98 -3.31 -2.01 22.80
CA THR C 98 -4.24 -3.08 23.13
C THR C 98 -4.94 -3.71 21.94
N PHE C 99 -5.23 -5.00 22.05
CA PHE C 99 -5.90 -5.75 20.99
C PHE C 99 -7.22 -6.29 21.52
N GLY C 100 -8.11 -6.64 20.60
CA GLY C 100 -9.38 -7.22 21.00
C GLY C 100 -9.08 -8.66 21.34
N GLN C 101 -10.06 -9.41 21.81
CA GLN C 101 -9.81 -10.81 22.16
C GLN C 101 -9.88 -11.74 20.95
N GLY C 102 -10.23 -11.18 19.79
CA GLY C 102 -10.31 -11.98 18.57
C GLY C 102 -11.67 -12.55 18.27
N THR C 103 -11.98 -12.62 16.97
CA THR C 103 -13.24 -13.16 16.49
C THR C 103 -12.96 -14.28 15.50
N ARG C 104 -13.47 -15.47 15.79
CA ARG C 104 -13.27 -16.62 14.94
C ARG C 104 -14.32 -16.68 13.85
N LEU C 105 -13.91 -16.46 12.60
CA LEU C 105 -14.83 -16.51 11.48
C LEU C 105 -14.74 -17.92 10.91
N GLU C 106 -15.77 -18.73 11.15
CA GLU C 106 -15.77 -20.09 10.66
C GLU C 106 -16.90 -20.37 9.68
N ILE C 107 -16.83 -21.54 9.03
CA ILE C 107 -17.83 -21.93 8.05
C ILE C 107 -19.06 -22.57 8.68
N LYS C 108 -20.21 -22.02 8.35
CA LYS C 108 -21.48 -22.51 8.86
C LYS C 108 -21.99 -23.61 7.95
N ARG C 109 -22.39 -24.72 8.57
CA ARG C 109 -22.93 -25.85 7.81
C ARG C 109 -24.11 -26.38 8.62
N THR C 110 -24.82 -27.34 8.05
CA THR C 110 -25.96 -27.92 8.73
C THR C 110 -25.51 -28.68 9.97
N VAL C 111 -26.30 -28.55 11.04
CA VAL C 111 -26.00 -29.21 12.29
C VAL C 111 -25.74 -30.70 12.10
N ALA C 112 -24.65 -31.18 12.71
CA ALA C 112 -24.28 -32.59 12.62
C ALA C 112 -23.92 -33.10 14.01
N ALA C 113 -24.68 -34.08 14.48
CA ALA C 113 -24.45 -34.66 15.79
C ALA C 113 -23.16 -35.46 15.79
N PRO C 114 -22.43 -35.44 16.91
CA PRO C 114 -21.17 -36.17 17.03
C PRO C 114 -21.35 -37.66 17.24
N SER C 115 -20.39 -38.44 16.73
CA SER C 115 -20.40 -39.87 16.94
C SER C 115 -19.55 -39.96 18.18
N VAL C 116 -20.03 -40.65 19.21
CA VAL C 116 -19.27 -40.73 20.45
C VAL C 116 -18.64 -42.10 20.70
N PHE C 117 -17.36 -42.09 21.06
CA PHE C 117 -16.63 -43.32 21.34
C PHE C 117 -15.85 -43.15 22.64
N ILE C 118 -15.71 -44.24 23.40
CA ILE C 118 -14.97 -44.18 24.66
C ILE C 118 -13.94 -45.31 24.70
N PHE C 119 -12.75 -44.99 25.23
CA PHE C 119 -11.66 -45.96 25.31
C PHE C 119 -11.16 -46.20 26.72
N PRO C 120 -11.26 -47.43 27.22
CA PRO C 120 -10.76 -47.68 28.57
C PRO C 120 -9.23 -47.59 28.55
N PRO C 121 -8.59 -47.62 29.72
CA PRO C 121 -7.12 -47.54 29.75
C PRO C 121 -6.54 -48.81 29.11
N SER C 122 -5.36 -48.69 28.52
CA SER C 122 -4.73 -49.84 27.90
C SER C 122 -4.10 -50.69 29.00
N ASP C 123 -3.95 -51.98 28.75
CA ASP C 123 -3.35 -52.86 29.75
C ASP C 123 -1.92 -52.38 29.97
N GLU C 124 -1.28 -51.94 28.90
CA GLU C 124 0.09 -51.47 28.96
C GLU C 124 0.22 -50.26 29.89
N GLN C 125 -0.78 -49.38 29.88
CA GLN C 125 -0.72 -48.20 30.74
C GLN C 125 -1.06 -48.57 32.19
N LEU C 126 -2.01 -49.49 32.37
CA LEU C 126 -2.39 -49.91 33.71
C LEU C 126 -1.26 -50.55 34.49
N LYS C 127 -0.10 -50.66 33.86
CA LYS C 127 1.07 -51.26 34.50
C LYS C 127 1.74 -50.27 35.44
N GLY C 129 0.94 -47.24 36.75
CA GLY C 129 0.62 -46.42 37.90
C GLY C 129 -0.36 -45.30 37.58
N THR C 130 -0.66 -45.15 36.28
CA THR C 130 -1.57 -44.11 35.83
C THR C 130 -2.59 -44.68 34.84
N ALA C 131 -3.79 -44.12 34.82
CA ALA C 131 -4.84 -44.58 33.93
C ALA C 131 -5.52 -43.42 33.21
N SER C 132 -5.63 -43.55 31.89
CA SER C 132 -6.26 -42.53 31.07
C SER C 132 -7.48 -43.09 30.35
N VAL C 133 -8.59 -42.37 30.42
CA VAL C 133 -9.82 -42.79 29.75
C VAL C 133 -10.12 -41.73 28.69
N VAL C 134 -10.23 -42.14 27.44
CA VAL C 134 -10.48 -41.20 26.36
C VAL C 134 -11.89 -41.24 25.78
N CYS C 135 -12.46 -40.07 25.59
CA CYS C 135 -13.80 -39.93 25.01
C CYS C 135 -13.63 -39.14 23.72
N LEU C 136 -14.14 -39.69 22.63
CA LEU C 136 -14.01 -39.03 21.33
C LEU C 136 -15.35 -38.60 20.75
N LEU C 137 -15.41 -37.34 20.33
CA LEU C 137 -16.60 -36.79 19.68
C LEU C 137 -16.14 -36.56 18.25
N ASN C 138 -16.68 -37.32 17.32
CA ASN C 138 -16.25 -37.21 15.93
C ASN C 138 -17.19 -36.51 14.95
N ASN C 139 -16.56 -35.72 14.08
CA ASN C 139 -17.24 -34.96 13.03
C ASN C 139 -18.60 -34.36 13.39
N PHE C 140 -18.58 -33.31 14.20
CA PHE C 140 -19.80 -32.65 14.61
C PHE C 140 -19.80 -31.16 14.30
N TYR C 141 -20.99 -30.56 14.29
CA TYR C 141 -21.14 -29.13 14.04
C TYR C 141 -22.47 -28.66 14.62
N PRO C 142 -22.48 -27.47 15.25
CA PRO C 142 -21.37 -26.52 15.47
C PRO C 142 -20.36 -27.06 16.48
N ARG C 143 -19.36 -26.26 16.82
CA ARG C 143 -18.35 -26.73 17.77
C ARG C 143 -18.77 -26.78 19.24
N GLU C 144 -19.73 -25.96 19.66
CA GLU C 144 -20.13 -26.01 21.06
C GLU C 144 -20.54 -27.42 21.42
N ALA C 145 -19.85 -27.99 22.40
CA ALA C 145 -20.13 -29.35 22.85
C ALA C 145 -19.74 -29.45 24.31
N LYS C 146 -20.56 -30.16 25.08
CA LYS C 146 -20.31 -30.34 26.50
C LYS C 146 -20.00 -31.80 26.82
N VAL C 147 -18.91 -32.03 27.53
CA VAL C 147 -18.53 -33.39 27.92
C VAL C 147 -18.44 -33.48 29.43
N GLN C 148 -19.19 -34.40 30.01
CA GLN C 148 -19.18 -34.58 31.45
C GLN C 148 -18.74 -35.99 31.78
N TRP C 149 -17.82 -36.13 32.72
CA TRP C 149 -17.33 -37.43 33.12
C TRP C 149 -18.00 -37.87 34.41
N LYS C 150 -18.38 -39.14 34.46
CA LYS C 150 -19.02 -39.69 35.64
C LYS C 150 -18.36 -41.01 36.01
N VAL C 151 -17.94 -41.13 37.27
CA VAL C 151 -17.31 -42.35 37.76
C VAL C 151 -18.25 -42.86 38.85
N ASP C 152 -18.83 -44.03 38.61
CA ASP C 152 -19.79 -44.62 39.55
C ASP C 152 -20.89 -43.60 39.79
N ASN C 153 -21.27 -42.92 38.70
CA ASN C 153 -22.32 -41.92 38.67
C ASN C 153 -22.05 -40.61 39.40
N ALA C 154 -20.78 -40.30 39.64
CA ALA C 154 -20.43 -39.06 40.32
C ALA C 154 -19.71 -38.14 39.35
N LEU C 155 -20.26 -36.95 39.13
CA LEU C 155 -19.65 -35.99 38.22
C LEU C 155 -18.24 -35.62 38.65
N GLN C 156 -17.33 -35.64 37.69
CA GLN C 156 -15.93 -35.32 37.95
C GLN C 156 -15.64 -33.86 37.66
N SER C 157 -14.48 -33.40 38.13
CA SER C 157 -14.04 -32.03 37.95
C SER C 157 -12.54 -31.92 38.18
N GLY C 158 -11.87 -31.16 37.32
CA GLY C 158 -10.44 -30.96 37.46
C GLY C 158 -9.51 -32.09 37.05
N ASN C 159 -10.06 -33.21 36.58
CA ASN C 159 -9.22 -34.33 36.18
C ASN C 159 -9.39 -34.70 34.70
N SER C 160 -9.82 -33.75 33.90
CA SER C 160 -10.01 -33.99 32.47
C SER C 160 -9.52 -32.83 31.63
N GLN C 161 -9.08 -33.14 30.41
CA GLN C 161 -8.60 -32.11 29.49
C GLN C 161 -9.16 -32.35 28.10
N GLU C 162 -9.59 -31.28 27.44
CA GLU C 162 -10.15 -31.37 26.10
C GLU C 162 -9.22 -30.83 25.04
N SER C 163 -9.44 -31.26 23.81
CA SER C 163 -8.65 -30.81 22.66
C SER C 163 -9.56 -30.87 21.45
N VAL C 164 -9.51 -29.84 20.61
CA VAL C 164 -10.35 -29.80 19.42
C VAL C 164 -9.52 -29.60 18.16
N THR C 165 -9.94 -30.24 17.08
CA THR C 165 -9.26 -30.11 15.80
C THR C 165 -9.72 -28.85 15.10
N GLU C 166 -8.99 -28.46 14.05
CA GLU C 166 -9.37 -27.29 13.28
C GLU C 166 -10.54 -27.74 12.42
N GLN C 167 -11.41 -26.81 12.04
CA GLN C 167 -12.55 -27.16 11.20
C GLN C 167 -12.06 -27.87 9.95
N ASP C 168 -12.67 -29.02 9.65
CA ASP C 168 -12.29 -29.81 8.48
C ASP C 168 -12.53 -29.02 7.19
N SER C 169 -11.55 -29.01 6.31
CA SER C 169 -11.64 -28.28 5.05
C SER C 169 -12.69 -28.84 4.08
N LYS C 170 -12.98 -30.12 4.21
CA LYS C 170 -13.96 -30.79 3.36
C LYS C 170 -15.30 -30.92 4.06
N ASP C 171 -15.24 -31.31 5.33
CA ASP C 171 -16.41 -31.54 6.17
C ASP C 171 -17.04 -30.27 6.73
N SER C 172 -16.19 -29.40 7.26
CA SER C 172 -16.61 -28.17 7.90
C SER C 172 -17.03 -28.60 9.31
N THR C 173 -16.64 -29.83 9.65
CA THR C 173 -16.95 -30.39 10.97
C THR C 173 -15.77 -30.32 11.91
N TYR C 174 -16.03 -30.62 13.18
CA TYR C 174 -15.00 -30.60 14.21
C TYR C 174 -14.98 -31.96 14.90
N SER C 175 -13.87 -32.23 15.58
CA SER C 175 -13.71 -33.46 16.34
C SER C 175 -13.09 -33.04 17.65
N LEU C 176 -13.46 -33.71 18.73
CA LEU C 176 -12.95 -33.35 20.04
C LEU C 176 -12.62 -34.56 20.89
N SER C 177 -11.58 -34.42 21.71
CA SER C 177 -11.17 -35.50 22.59
C SER C 177 -11.15 -35.00 24.03
N SER C 178 -11.66 -35.83 24.93
CA SER C 178 -11.68 -35.49 26.35
C SER C 178 -10.98 -36.65 27.04
N THR C 179 -9.94 -36.33 27.82
CA THR C 179 -9.19 -37.37 28.49
C THR C 179 -9.28 -37.26 30.01
N LEU C 180 -9.72 -38.35 30.65
CA LEU C 180 -9.83 -38.40 32.10
C LEU C 180 -8.59 -39.11 32.62
N THR C 181 -7.87 -38.45 33.52
CA THR C 181 -6.66 -39.04 34.08
C THR C 181 -6.86 -39.34 35.56
N LEU C 182 -6.65 -40.59 35.91
CA LEU C 182 -6.80 -41.03 37.29
C LEU C 182 -5.55 -41.79 37.71
N SER C 183 -5.37 -41.93 39.03
CA SER C 183 -4.23 -42.68 39.54
C SER C 183 -4.75 -44.11 39.39
N LYS C 184 -3.87 -45.06 39.14
CA LYS C 184 -4.32 -46.43 38.98
C LYS C 184 -5.12 -46.89 40.20
N ALA C 185 -4.74 -46.39 41.37
CA ALA C 185 -5.40 -46.74 42.62
C ALA C 185 -6.87 -46.34 42.56
N ASP C 186 -7.13 -45.10 42.11
CA ASP C 186 -8.51 -44.62 42.02
C ASP C 186 -9.27 -45.39 40.95
N TYR C 187 -8.64 -45.63 39.81
CA TYR C 187 -9.31 -46.36 38.73
C TYR C 187 -9.78 -47.72 39.24
N GLU C 188 -8.96 -48.36 40.05
CA GLU C 188 -9.27 -49.68 40.59
C GLU C 188 -10.36 -49.73 41.66
N LYS C 189 -10.73 -48.57 42.21
CA LYS C 189 -11.75 -48.54 43.26
C LYS C 189 -13.16 -48.40 42.72
N HIS C 190 -13.28 -47.94 41.48
CA HIS C 190 -14.60 -47.78 40.90
C HIS C 190 -14.88 -48.72 39.75
N LYS C 191 -16.16 -48.89 39.44
CA LYS C 191 -16.58 -49.80 38.38
C LYS C 191 -17.06 -49.15 37.10
N VAL C 192 -18.00 -48.22 37.20
CA VAL C 192 -18.54 -47.57 36.02
C VAL C 192 -17.88 -46.26 35.61
N TYR C 193 -17.50 -46.20 34.34
CA TYR C 193 -16.88 -45.01 33.76
C TYR C 193 -17.71 -44.58 32.57
N ALA C 194 -18.21 -43.35 32.61
CA ALA C 194 -19.05 -42.85 31.55
C ALA C 194 -18.73 -41.45 31.07
N CYS C 195 -18.97 -41.24 29.78
CA CYS C 195 -18.75 -39.95 29.14
C CYS C 195 -20.11 -39.49 28.63
N GLU C 196 -20.59 -38.37 29.17
CA GLU C 196 -21.88 -37.84 28.77
C GLU C 196 -21.68 -36.65 27.85
N VAL C 197 -22.26 -36.71 26.66
CA VAL C 197 -22.12 -35.65 25.67
C VAL C 197 -23.41 -34.89 25.37
N THR C 198 -23.33 -33.57 25.44
CA THR C 198 -24.48 -32.71 25.16
C THR C 198 -24.12 -31.87 23.92
N HIS C 199 -24.95 -31.96 22.90
CA HIS C 199 -24.71 -31.22 21.67
C HIS C 199 -26.02 -30.88 20.97
N GLN C 200 -26.03 -29.76 20.24
CA GLN C 200 -27.21 -29.29 19.54
C GLN C 200 -27.82 -30.34 18.61
N GLY C 201 -26.98 -31.18 18.02
CA GLY C 201 -27.47 -32.20 17.12
C GLY C 201 -28.03 -33.41 17.85
N LEU C 202 -27.91 -33.41 19.17
CA LEU C 202 -28.41 -34.52 19.97
C LEU C 202 -29.71 -34.19 20.69
N SER C 203 -30.76 -34.93 20.36
CA SER C 203 -32.07 -34.75 20.98
C SER C 203 -31.88 -34.62 22.48
N SER C 204 -31.17 -35.58 23.04
CA SER C 204 -30.87 -35.61 24.47
C SER C 204 -29.43 -36.09 24.60
N PRO C 205 -28.77 -35.76 25.72
CA PRO C 205 -27.37 -36.18 25.91
C PRO C 205 -27.14 -37.67 25.65
N VAL C 206 -26.00 -37.96 25.03
CA VAL C 206 -25.62 -39.33 24.73
C VAL C 206 -24.53 -39.74 25.70
N THR C 207 -24.68 -40.91 26.32
CA THR C 207 -23.68 -41.38 27.28
C THR C 207 -23.07 -42.71 26.84
N LYS C 208 -21.75 -42.75 26.84
CA LYS C 208 -21.02 -43.96 26.49
C LYS C 208 -20.28 -44.37 27.75
N SER C 209 -20.49 -45.60 28.19
CA SER C 209 -19.83 -46.06 29.40
C SER C 209 -19.38 -47.50 29.34
N PHE C 210 -18.59 -47.89 30.33
CA PHE C 210 -18.07 -49.26 30.40
C PHE C 210 -17.75 -49.60 31.84
N ASN C 211 -17.58 -50.90 32.10
CA ASN C 211 -17.26 -51.39 33.43
C ASN C 211 -15.78 -51.75 33.45
N ARG C 212 -15.10 -51.41 34.53
CA ARG C 212 -13.69 -51.74 34.65
C ARG C 212 -13.54 -53.25 34.46
N GLY C 213 -12.70 -53.65 33.52
CA GLY C 213 -12.49 -55.06 33.25
C GLY C 213 -13.45 -55.61 32.22
N GLU C 214 -14.38 -54.79 31.75
CA GLU C 214 -15.37 -55.23 30.76
C GLU C 214 -14.76 -55.61 29.41
N CYS C 215 -13.83 -54.80 28.91
CA CYS C 215 -13.20 -55.10 27.63
C CYS C 215 -11.72 -55.41 27.83
N GLN D 1 9.41 -8.04 -0.09
CA GLN D 1 10.85 -8.17 0.27
C GLN D 1 11.14 -7.74 1.70
N VAL D 2 10.16 -7.13 2.34
CA VAL D 2 10.33 -6.72 3.74
C VAL D 2 10.35 -8.00 4.56
N GLN D 3 11.34 -8.14 5.44
CA GLN D 3 11.42 -9.34 6.26
C GLN D 3 11.83 -9.04 7.68
N LEU D 4 11.33 -9.86 8.59
CA LEU D 4 11.65 -9.77 10.00
C LEU D 4 11.81 -11.22 10.43
N VAL D 5 13.03 -11.62 10.75
CA VAL D 5 13.29 -13.00 11.15
C VAL D 5 13.77 -13.08 12.59
N GLU D 6 12.97 -13.72 13.43
CA GLU D 6 13.28 -13.88 14.84
C GLU D 6 14.11 -15.12 15.14
N SER D 7 14.88 -15.06 16.22
CA SER D 7 15.72 -16.17 16.65
C SER D 7 15.99 -16.05 18.14
N GLY D 8 16.52 -17.10 18.74
CA GLY D 8 16.81 -17.07 20.17
C GLY D 8 15.80 -17.79 21.05
N GLY D 9 14.62 -18.07 20.50
CA GLY D 9 13.61 -18.75 21.28
C GLY D 9 14.01 -20.17 21.64
N GLY D 10 13.37 -20.72 22.67
CA GLY D 10 13.68 -22.07 23.08
C GLY D 10 13.18 -22.37 24.48
N VAL D 11 13.66 -23.47 25.07
CA VAL D 11 13.26 -23.84 26.42
C VAL D 11 14.16 -23.12 27.41
N VAL D 12 13.55 -22.57 28.46
CA VAL D 12 14.29 -21.87 29.49
C VAL D 12 13.61 -22.13 30.83
N GLN D 13 14.42 -22.36 31.86
CA GLN D 13 13.90 -22.63 33.18
C GLN D 13 13.36 -21.38 33.86
N PRO D 14 12.28 -21.52 34.63
CA PRO D 14 11.74 -20.34 35.31
C PRO D 14 12.81 -19.68 36.16
N GLY D 15 12.88 -18.35 36.10
CA GLY D 15 13.87 -17.62 36.87
C GLY D 15 15.05 -17.20 36.03
N ARG D 16 15.20 -17.82 34.87
CA ARG D 16 16.32 -17.54 33.97
C ARG D 16 16.07 -16.38 33.02
N SER D 17 17.06 -16.18 32.16
CA SER D 17 17.03 -15.14 31.15
C SER D 17 17.16 -15.79 29.78
N LEU D 18 16.73 -15.06 28.76
CA LEU D 18 16.80 -15.52 27.40
C LEU D 18 16.75 -14.26 26.56
N ARG D 19 17.57 -14.20 25.54
CA ARG D 19 17.62 -13.02 24.68
C ARG D 19 17.11 -13.35 23.28
N LEU D 20 16.12 -12.58 22.84
CA LEU D 20 15.55 -12.78 21.51
C LEU D 20 16.17 -11.79 20.54
N SER D 21 16.27 -12.21 19.28
CA SER D 21 16.84 -11.37 18.23
C SER D 21 15.87 -11.34 17.05
N CYS D 22 15.92 -10.27 16.28
CA CYS D 22 15.06 -10.09 15.12
C CYS D 22 15.86 -9.40 14.03
N ALA D 23 16.17 -10.15 12.98
CA ALA D 23 16.94 -9.60 11.87
C ALA D 23 16.02 -8.97 10.84
N ALA D 24 16.24 -7.69 10.56
CA ALA D 24 15.43 -6.96 9.60
C ALA D 24 16.15 -6.73 8.28
N SER D 25 15.39 -6.74 7.19
CA SER D 25 15.92 -6.52 5.85
C SER D 25 14.76 -6.13 4.95
N GLY D 26 15.05 -5.36 3.89
CA GLY D 26 13.99 -4.96 2.98
C GLY D 26 13.51 -3.54 3.15
N PHE D 27 13.89 -2.90 4.24
CA PHE D 27 13.49 -1.52 4.51
C PHE D 27 14.56 -0.81 5.32
N THR D 28 14.45 0.52 5.45
CA THR D 28 15.43 1.28 6.21
C THR D 28 15.11 1.16 7.71
N PHE D 29 15.63 0.10 8.30
CA PHE D 29 15.44 -0.23 9.71
C PHE D 29 15.59 0.93 10.69
N SER D 30 16.59 1.78 10.47
CA SER D 30 16.85 2.90 11.39
C SER D 30 15.81 4.01 11.37
N ASN D 31 14.83 3.93 10.48
CA ASN D 31 13.79 4.95 10.40
C ASN D 31 12.50 4.51 11.06
N HIS D 32 12.42 3.23 11.44
CA HIS D 32 11.20 2.70 12.04
C HIS D 32 11.25 2.35 13.51
N GLY D 33 10.13 2.58 14.19
CA GLY D 33 10.03 2.21 15.59
C GLY D 33 9.76 0.73 15.49
N MET D 34 10.12 -0.04 16.51
CA MET D 34 9.91 -1.48 16.47
C MET D 34 9.19 -2.00 17.71
N HIS D 35 8.41 -3.06 17.54
CA HIS D 35 7.66 -3.64 18.64
C HIS D 35 7.93 -5.14 18.82
N TRP D 36 7.49 -5.65 19.97
CA TRP D 36 7.58 -7.06 20.29
C TRP D 36 6.18 -7.38 20.80
N VAL D 37 5.55 -8.38 20.19
CA VAL D 37 4.21 -8.79 20.59
C VAL D 37 4.27 -10.29 20.81
N ARG D 38 3.56 -10.77 21.84
CA ARG D 38 3.57 -12.20 22.11
C ARG D 38 2.17 -12.79 22.08
N GLN D 39 2.11 -14.11 21.90
CA GLN D 39 0.83 -14.80 21.83
C GLN D 39 0.96 -16.25 22.25
N ALA D 40 0.29 -16.61 23.35
CA ALA D 40 0.29 -17.98 23.84
C ALA D 40 -0.53 -18.79 22.85
N PRO D 41 -0.27 -20.10 22.75
CA PRO D 41 -0.99 -21.01 21.84
C PRO D 41 -2.51 -20.82 21.79
N GLY D 42 -3.03 -20.58 20.59
CA GLY D 42 -4.46 -20.41 20.40
C GLY D 42 -5.15 -19.33 21.21
N LYS D 43 -4.39 -18.34 21.66
CA LYS D 43 -4.96 -17.25 22.46
C LYS D 43 -4.72 -15.88 21.83
N ARG D 44 -5.13 -14.83 22.52
CA ARG D 44 -5.01 -13.46 22.03
C ARG D 44 -3.61 -12.85 22.00
N LEU D 45 -3.46 -11.84 21.16
CA LEU D 45 -2.20 -11.11 21.00
C LEU D 45 -2.02 -10.16 22.17
N GLU D 46 -0.79 -10.10 22.68
CA GLU D 46 -0.48 -9.21 23.80
C GLU D 46 0.79 -8.42 23.49
N TRP D 47 0.64 -7.10 23.44
CA TRP D 47 1.76 -6.21 23.15
C TRP D 47 2.77 -6.32 24.30
N VAL D 48 4.06 -6.32 23.96
CA VAL D 48 5.09 -6.45 24.96
C VAL D 48 5.90 -5.16 25.18
N ALA D 49 6.45 -4.61 24.10
CA ALA D 49 7.24 -3.40 24.19
C ALA D 49 7.46 -2.73 22.85
N VAL D 50 8.00 -1.52 22.90
CA VAL D 50 8.29 -0.74 21.70
C VAL D 50 9.55 0.09 21.95
N ILE D 51 10.26 0.39 20.87
CA ILE D 51 11.47 1.18 20.95
C ILE D 51 11.54 2.13 19.76
N SER D 52 11.86 3.39 20.03
CA SER D 52 11.94 4.39 18.98
C SER D 52 13.04 4.05 17.98
N TYR D 53 12.95 4.66 16.79
CA TYR D 53 13.91 4.42 15.73
C TYR D 53 15.36 4.68 16.11
N ASP D 54 15.59 5.57 17.09
CA ASP D 54 16.95 5.88 17.52
C ASP D 54 17.29 5.28 18.88
N GLY D 55 16.35 4.51 19.44
CA GLY D 55 16.58 3.88 20.73
C GLY D 55 16.62 4.81 21.92
N ARG D 56 16.10 6.03 21.76
CA ARG D 56 16.08 7.00 22.85
C ARG D 56 14.88 6.80 23.76
N HIS D 57 13.87 6.09 23.27
CA HIS D 57 12.66 5.86 24.06
C HIS D 57 12.12 4.44 23.98
N GLU D 58 11.72 3.91 25.13
CA GLU D 58 11.17 2.56 25.22
C GLU D 58 9.92 2.56 26.08
N HIS D 59 9.05 1.58 25.86
CA HIS D 59 7.82 1.43 26.64
C HIS D 59 7.52 -0.05 26.80
N TYR D 60 6.93 -0.43 27.93
CA TYR D 60 6.65 -1.84 28.20
C TYR D 60 5.25 -2.10 28.74
N ALA D 61 4.78 -3.33 28.54
CA ALA D 61 3.49 -3.73 29.07
C ALA D 61 3.75 -3.88 30.55
N ASP D 62 2.78 -3.50 31.38
CA ASP D 62 2.94 -3.56 32.83
C ASP D 62 3.52 -4.85 33.40
N LEU D 63 3.09 -6.01 32.90
CA LEU D 63 3.57 -7.26 33.46
C LEU D 63 4.96 -7.77 33.05
N VAL D 64 5.71 -6.96 32.32
CA VAL D 64 7.07 -7.35 31.93
C VAL D 64 8.03 -6.23 32.31
N LYS D 65 7.48 -5.16 32.89
CA LYS D 65 8.27 -4.02 33.32
C LYS D 65 9.28 -4.43 34.39
N GLY D 66 10.51 -3.99 34.23
CA GLY D 66 11.54 -4.33 35.20
C GLY D 66 12.23 -5.64 34.90
N ARG D 67 11.56 -6.51 34.14
CA ARG D 67 12.12 -7.81 33.78
C ARG D 67 12.66 -7.86 32.36
N PHE D 68 11.91 -7.28 31.43
CA PHE D 68 12.31 -7.26 30.02
C PHE D 68 12.96 -5.93 29.63
N THR D 69 13.80 -5.99 28.60
CA THR D 69 14.47 -4.80 28.12
C THR D 69 14.59 -4.89 26.61
N ILE D 70 13.98 -3.92 25.92
CA ILE D 70 14.03 -3.90 24.47
C ILE D 70 15.15 -2.96 24.05
N SER D 71 15.93 -3.38 23.07
CA SER D 71 17.04 -2.59 22.58
C SER D 71 17.21 -2.86 21.09
N ARG D 72 18.09 -2.13 20.45
CA ARG D 72 18.32 -2.31 19.03
C ARG D 72 19.69 -1.81 18.62
N ASP D 73 20.22 -2.41 17.57
CA ASP D 73 21.50 -2.00 17.03
C ASP D 73 21.26 -1.78 15.55
N ASN D 74 21.15 -0.51 15.17
CA ASN D 74 20.88 -0.17 13.78
C ASN D 74 22.02 -0.49 12.82
N SER D 75 23.23 -0.69 13.34
CA SER D 75 24.36 -1.00 12.48
C SER D 75 24.29 -2.44 11.99
N LYS D 76 23.47 -3.25 12.65
CA LYS D 76 23.32 -4.65 12.26
C LYS D 76 21.86 -4.96 11.91
N ASN D 77 21.03 -3.92 11.91
CA ASN D 77 19.60 -4.08 11.59
C ASN D 77 18.97 -5.15 12.47
N THR D 78 19.26 -5.09 13.76
CA THR D 78 18.73 -6.07 14.69
C THR D 78 17.98 -5.48 15.87
N LEU D 79 16.89 -6.14 16.24
CA LEU D 79 16.06 -5.73 17.37
C LEU D 79 16.27 -6.79 18.44
N TYR D 80 16.33 -6.38 19.70
CA TYR D 80 16.54 -7.33 20.79
C TYR D 80 15.48 -7.26 21.87
N LEU D 81 15.36 -8.35 22.61
CA LEU D 81 14.45 -8.43 23.73
C LEU D 81 15.11 -9.29 24.79
N GLN D 82 15.71 -8.62 25.77
CA GLN D 82 16.37 -9.31 26.87
C GLN D 82 15.31 -9.62 27.91
N MET D 83 15.05 -10.91 28.13
CA MET D 83 14.04 -11.31 29.09
C MET D 83 14.67 -11.93 30.33
N ASN D 84 14.49 -11.29 31.48
CA ASN D 84 15.05 -11.79 32.72
C ASN D 84 13.94 -12.31 33.64
N SER D 85 14.32 -13.13 34.61
CA SER D 85 13.38 -13.69 35.58
C SER D 85 12.12 -14.21 34.90
N LEU D 86 12.29 -15.09 33.92
CA LEU D 86 11.15 -15.65 33.20
C LEU D 86 10.22 -16.47 34.07
N ARG D 87 8.92 -16.28 33.83
CA ARG D 87 7.87 -16.97 34.56
C ARG D 87 7.13 -17.89 33.61
N ALA D 88 6.39 -18.85 34.14
CA ALA D 88 5.64 -19.79 33.31
C ALA D 88 4.71 -19.04 32.36
N GLU D 89 4.05 -18.01 32.88
CA GLU D 89 3.12 -17.21 32.09
C GLU D 89 3.77 -16.42 30.96
N ASP D 90 5.10 -16.51 30.85
CA ASP D 90 5.80 -15.80 29.78
C ASP D 90 5.89 -16.64 28.52
N ARG D 91 5.40 -17.88 28.59
CA ARG D 91 5.41 -18.76 27.44
C ARG D 91 4.59 -18.11 26.35
N ALA D 92 5.03 -18.25 25.12
CA ALA D 92 4.32 -17.67 23.99
C ALA D 92 5.21 -17.59 22.77
N LEU D 93 4.56 -17.31 21.64
CA LEU D 93 5.27 -17.15 20.39
C LEU D 93 5.56 -15.66 20.37
N TYR D 94 6.82 -15.29 20.32
CA TYR D 94 7.19 -13.88 20.31
C TYR D 94 7.44 -13.33 18.91
N PHE D 95 6.62 -12.37 18.52
CA PHE D 95 6.72 -11.73 17.21
C PHE D 95 7.39 -10.38 17.33
N CYS D 96 8.25 -10.06 16.37
CA CYS D 96 8.83 -8.73 16.36
C CYS D 96 8.04 -8.08 15.23
N ALA D 97 7.66 -6.84 15.42
CA ALA D 97 6.88 -6.16 14.41
C ALA D 97 7.34 -4.75 14.13
N ARG D 98 7.16 -4.33 12.89
CA ARG D 98 7.54 -3.01 12.44
C ARG D 98 6.34 -2.08 12.49
N GLU D 99 6.57 -0.82 12.83
CA GLU D 99 5.47 0.16 12.87
C GLU D 99 5.75 1.20 11.78
N GLY D 100 4.69 1.71 11.18
CA GLY D 100 4.83 2.70 10.13
C GLY D 100 5.57 3.97 10.50
N LEU D 101 6.07 4.68 9.49
CA LEU D 101 6.79 5.93 9.71
C LEU D 101 5.88 7.02 10.26
N SER D 102 6.47 7.98 10.95
CA SER D 102 5.70 9.10 11.51
C SER D 102 5.84 10.27 10.55
N ARG D 103 4.79 11.07 10.43
CA ARG D 103 4.82 12.22 9.54
C ARG D 103 6.00 13.15 9.84
N ASP D 104 6.31 13.31 11.12
CA ASP D 104 7.39 14.20 11.55
C ASP D 104 8.77 13.59 11.76
N ASN D 105 8.96 12.33 11.38
CA ASN D 105 10.26 11.69 11.55
C ASN D 105 10.72 11.80 13.01
N SER D 106 9.79 11.62 13.95
CA SER D 106 10.15 11.73 15.36
C SER D 106 9.30 10.93 16.35
N GLY D 107 7.98 11.07 16.26
CA GLY D 107 7.10 10.36 17.18
C GLY D 107 6.72 8.93 16.81
N PHE D 108 6.12 8.24 17.77
CA PHE D 108 5.67 6.86 17.58
C PHE D 108 4.35 6.88 16.81
N THR D 109 4.03 5.78 16.13
CA THR D 109 2.78 5.70 15.38
C THR D 109 1.87 4.61 15.94
N GLY D 110 2.47 3.51 16.37
CA GLY D 110 1.68 2.41 16.90
C GLY D 110 0.99 1.67 15.78
N LEU D 111 1.34 2.04 14.55
CA LEU D 111 0.75 1.40 13.37
C LEU D 111 1.63 0.23 12.97
N ILE D 112 1.39 -0.91 13.60
CA ILE D 112 2.14 -2.13 13.33
C ILE D 112 1.71 -2.66 11.95
N ASP D 113 2.60 -2.53 10.97
CA ASP D 113 2.29 -2.96 9.61
C ASP D 113 2.90 -4.29 9.15
N TYR D 114 4.01 -4.72 9.75
CA TYR D 114 4.61 -5.97 9.36
C TYR D 114 5.09 -6.80 10.55
N TRP D 115 4.81 -8.10 10.48
CA TRP D 115 5.19 -9.02 11.56
C TRP D 115 6.06 -10.16 11.07
N GLY D 116 6.93 -10.64 11.95
CA GLY D 116 7.78 -11.77 11.61
C GLY D 116 6.90 -12.96 11.95
N GLN D 117 7.36 -14.18 11.67
CA GLN D 117 6.52 -15.33 11.99
C GLN D 117 6.70 -15.78 13.43
N GLY D 118 7.60 -15.11 14.15
CA GLY D 118 7.83 -15.42 15.55
C GLY D 118 8.77 -16.52 15.96
N THR D 119 9.21 -16.45 17.23
CA THR D 119 10.11 -17.43 17.81
C THR D 119 9.45 -17.89 19.11
N MET D 120 9.45 -19.20 19.35
CA MET D 120 8.80 -19.77 20.53
C MET D 120 9.63 -19.81 21.81
N VAL D 121 9.03 -19.33 22.90
CA VAL D 121 9.69 -19.34 24.20
C VAL D 121 8.89 -20.28 25.09
N THR D 122 9.55 -21.33 25.56
CA THR D 122 8.92 -22.31 26.43
C THR D 122 9.61 -22.27 27.78
N VAL D 123 8.90 -21.75 28.78
CA VAL D 123 9.45 -21.66 30.13
C VAL D 123 9.08 -22.91 30.89
N SER D 124 10.06 -23.77 31.17
CA SER D 124 9.80 -25.01 31.89
C SER D 124 11.04 -25.62 32.52
N SER D 125 10.83 -26.47 33.53
CA SER D 125 11.92 -27.13 34.22
C SER D 125 11.98 -28.60 33.83
N ALA D 126 11.10 -29.00 32.93
CA ALA D 126 11.06 -30.38 32.46
C ALA D 126 12.25 -30.55 31.53
N SER D 127 12.66 -31.79 31.29
CA SER D 127 13.78 -32.04 30.40
C SER D 127 13.32 -32.90 29.23
N THR D 128 14.07 -32.84 28.13
CA THR D 128 13.73 -33.61 26.93
C THR D 128 13.41 -35.07 27.26
N LYS D 129 12.25 -35.53 26.83
CA LYS D 129 11.83 -36.91 27.10
C LYS D 129 10.92 -37.45 26.00
N GLY D 130 11.20 -38.66 25.56
CA GLY D 130 10.38 -39.29 24.54
C GLY D 130 9.04 -39.69 25.10
N PRO D 131 8.02 -39.91 24.26
CA PRO D 131 6.70 -40.30 24.75
C PRO D 131 6.45 -41.78 24.92
N SER D 132 5.40 -42.09 25.67
CA SER D 132 4.96 -43.47 25.87
C SER D 132 3.79 -43.52 24.90
N VAL D 133 3.64 -44.61 24.18
CA VAL D 133 2.56 -44.71 23.22
C VAL D 133 1.62 -45.85 23.58
N PHE D 134 0.38 -45.51 23.92
CA PHE D 134 -0.61 -46.51 24.30
C PHE D 134 -1.69 -46.66 23.26
N PRO D 135 -2.16 -47.89 23.03
CA PRO D 135 -3.20 -48.14 22.04
C PRO D 135 -4.61 -47.84 22.53
N LEU D 136 -5.39 -47.19 21.68
CA LEU D 136 -6.78 -46.89 21.97
C LEU D 136 -7.47 -47.90 21.06
N ALA D 137 -7.52 -49.14 21.52
CA ALA D 137 -8.09 -50.24 20.76
C ALA D 137 -9.59 -50.17 20.50
N PRO D 138 -10.01 -50.58 19.30
CA PRO D 138 -11.42 -50.57 18.93
C PRO D 138 -12.14 -51.72 19.64
N SER D 139 -13.34 -51.44 20.12
CA SER D 139 -14.13 -52.45 20.82
C SER D 139 -15.59 -52.05 20.68
N SER D 140 -16.48 -52.78 21.35
CA SER D 140 -17.89 -52.46 21.28
C SER D 140 -18.06 -51.02 21.75
N LYS D 141 -17.13 -50.58 22.59
CA LYS D 141 -17.11 -49.24 23.16
C LYS D 141 -16.85 -48.14 22.16
N SER D 142 -15.92 -48.40 21.25
CA SER D 142 -15.52 -47.42 20.23
C SER D 142 -16.06 -47.76 18.86
N THR D 143 -17.27 -48.29 18.83
CA THR D 143 -17.94 -48.64 17.59
C THR D 143 -19.33 -48.08 17.64
N SER D 144 -19.82 -47.59 16.51
CA SER D 144 -21.16 -47.03 16.43
C SER D 144 -21.63 -46.94 15.00
N GLY D 145 -22.80 -47.52 14.72
CA GLY D 145 -23.36 -47.49 13.39
C GLY D 145 -22.42 -47.89 12.26
N GLY D 146 -21.76 -49.04 12.40
CA GLY D 146 -20.86 -49.51 11.36
C GLY D 146 -19.51 -48.83 11.30
N THR D 147 -19.26 -47.88 12.20
CA THR D 147 -17.99 -47.18 12.22
C THR D 147 -17.21 -47.48 13.49
N ALA D 148 -15.93 -47.79 13.33
CA ALA D 148 -15.06 -48.10 14.44
C ALA D 148 -14.00 -47.03 14.60
N ALA D 149 -13.72 -46.66 15.84
CA ALA D 149 -12.70 -45.65 16.13
C ALA D 149 -11.58 -46.32 16.89
N LEU D 150 -10.35 -45.92 16.56
CA LEU D 150 -9.16 -46.47 17.20
C LEU D 150 -8.09 -45.40 17.11
N GLY D 151 -7.05 -45.52 17.92
CA GLY D 151 -6.00 -44.52 17.88
C GLY D 151 -4.83 -44.82 18.78
N CYS D 152 -4.04 -43.78 19.04
CA CYS D 152 -2.87 -43.92 19.89
C CYS D 152 -2.75 -42.76 20.85
N LEU D 153 -2.53 -43.09 22.12
CA LEU D 153 -2.37 -42.09 23.16
C LEU D 153 -0.87 -41.82 23.27
N VAL D 154 -0.44 -40.66 22.77
CA VAL D 154 0.98 -40.28 22.84
C VAL D 154 1.10 -39.45 24.11
N LYS D 155 1.67 -40.07 25.15
CA LYS D 155 1.76 -39.42 26.45
C LYS D 155 3.14 -39.18 27.07
N ASP D 156 3.20 -38.12 27.89
CA ASP D 156 4.38 -37.70 28.62
C ASP D 156 5.68 -37.44 27.86
N TYR D 157 5.63 -36.50 26.91
CA TYR D 157 6.82 -36.16 26.16
C TYR D 157 7.13 -34.68 26.35
N PHE D 158 8.37 -34.32 26.07
CA PHE D 158 8.81 -32.94 26.18
C PHE D 158 10.10 -32.75 25.40
N PRO D 159 10.19 -31.66 24.61
CA PRO D 159 9.15 -30.65 24.45
C PRO D 159 8.34 -30.96 23.20
N GLU D 160 7.44 -30.08 22.82
CA GLU D 160 6.67 -30.30 21.61
C GLU D 160 7.66 -30.15 20.45
N PRO D 161 7.33 -30.72 19.28
CA PRO D 161 6.11 -31.48 19.04
C PRO D 161 6.39 -32.94 18.70
N VAL D 162 5.31 -33.65 18.39
CA VAL D 162 5.38 -35.04 18.00
C VAL D 162 4.49 -35.12 16.77
N THR D 163 4.79 -36.07 15.89
CA THR D 163 3.97 -36.25 14.70
C THR D 163 3.50 -37.69 14.70
N VAL D 164 2.30 -37.90 14.19
CA VAL D 164 1.76 -39.24 14.12
C VAL D 164 1.19 -39.48 12.75
N SER D 165 1.52 -40.63 12.17
CA SER D 165 1.01 -40.99 10.86
C SER D 165 0.49 -42.40 11.02
N TRP D 166 -0.33 -42.85 10.09
CA TRP D 166 -0.88 -44.20 10.18
C TRP D 166 -0.46 -45.11 9.05
N ASN D 167 -0.11 -46.35 9.41
CA ASN D 167 0.33 -47.34 8.45
C ASN D 167 1.39 -46.78 7.52
N SER D 168 2.47 -46.29 8.13
CA SER D 168 3.59 -45.73 7.39
C SER D 168 3.15 -44.65 6.41
N GLY D 169 1.99 -44.05 6.65
CA GLY D 169 1.50 -42.99 5.79
C GLY D 169 0.49 -43.39 4.73
N ALA D 170 0.20 -44.69 4.63
CA ALA D 170 -0.76 -45.16 3.65
C ALA D 170 -2.19 -44.81 4.04
N LEU D 171 -2.40 -44.54 5.32
CA LEU D 171 -3.72 -44.19 5.83
C LEU D 171 -3.76 -42.73 6.25
N THR D 172 -4.66 -41.96 5.65
CA THR D 172 -4.79 -40.54 5.96
C THR D 172 -6.25 -40.13 6.09
N SER D 173 -7.13 -40.88 5.45
CA SER D 173 -8.56 -40.60 5.49
C SER D 173 -9.15 -40.89 6.87
N GLY D 174 -9.94 -39.95 7.38
CA GLY D 174 -10.57 -40.14 8.69
C GLY D 174 -9.63 -40.00 9.87
N VAL D 175 -8.43 -39.49 9.64
CA VAL D 175 -7.46 -39.31 10.71
C VAL D 175 -7.58 -37.96 11.38
N HIS D 176 -7.50 -37.97 12.71
CA HIS D 176 -7.59 -36.75 13.50
C HIS D 176 -6.54 -36.76 14.60
N THR D 177 -5.50 -35.95 14.44
CA THR D 177 -4.45 -35.87 15.44
C THR D 177 -4.68 -34.56 16.18
N PHE D 178 -5.10 -34.68 17.43
CA PHE D 178 -5.41 -33.52 18.26
C PHE D 178 -4.23 -32.70 18.75
N PRO D 179 -4.47 -31.43 19.05
CA PRO D 179 -3.43 -30.53 19.55
C PRO D 179 -2.98 -31.11 20.89
N ALA D 180 -1.72 -30.91 21.25
CA ALA D 180 -1.23 -31.43 22.51
C ALA D 180 -1.65 -30.53 23.66
N VAL D 181 -1.77 -31.12 24.84
CA VAL D 181 -2.13 -30.37 26.03
C VAL D 181 -1.00 -30.52 27.04
N LEU D 182 -0.76 -29.46 27.81
CA LEU D 182 0.28 -29.49 28.82
C LEU D 182 -0.35 -29.99 30.11
N GLN D 183 0.14 -31.13 30.60
CA GLN D 183 -0.38 -31.70 31.84
C GLN D 183 0.33 -31.03 33.00
N SER D 184 -0.25 -31.11 34.18
CA SER D 184 0.33 -30.47 35.35
C SER D 184 1.72 -30.99 35.71
N SER D 185 2.12 -32.10 35.09
CA SER D 185 3.44 -32.67 35.36
C SER D 185 4.51 -31.92 34.58
N GLY D 186 4.08 -31.08 33.63
CA GLY D 186 5.03 -30.34 32.83
C GLY D 186 5.28 -31.04 31.51
N LEU D 187 4.73 -32.25 31.39
CA LEU D 187 4.89 -33.05 30.19
C LEU D 187 3.64 -32.93 29.30
N TYR D 188 3.84 -33.10 28.00
CA TYR D 188 2.74 -33.00 27.05
C TYR D 188 2.07 -34.33 26.75
N SER D 189 0.90 -34.25 26.12
CA SER D 189 0.14 -35.44 25.77
C SER D 189 -0.85 -35.12 24.66
N LEU D 190 -1.16 -36.13 23.85
CA LEU D 190 -2.11 -35.96 22.77
C LEU D 190 -2.51 -37.32 22.23
N SER D 191 -3.66 -37.37 21.55
CA SER D 191 -4.14 -38.60 20.97
C SER D 191 -4.39 -38.41 19.49
N SER D 192 -4.13 -39.46 18.73
CA SER D 192 -4.34 -39.44 17.29
C SER D 192 -5.31 -40.58 17.05
N VAL D 193 -6.45 -40.27 16.44
CA VAL D 193 -7.45 -41.29 16.17
C VAL D 193 -7.79 -41.37 14.70
N VAL D 194 -8.52 -42.41 14.34
CA VAL D 194 -8.94 -42.63 12.97
C VAL D 194 -10.17 -43.52 13.02
N THR D 195 -11.15 -43.20 12.20
CA THR D 195 -12.37 -43.99 12.15
C THR D 195 -12.36 -44.83 10.88
N VAL D 196 -12.81 -46.07 11.00
CA VAL D 196 -12.83 -46.99 9.87
C VAL D 196 -14.08 -47.86 9.94
N PRO D 197 -14.41 -48.54 8.85
CA PRO D 197 -15.59 -49.40 8.86
C PRO D 197 -15.33 -50.57 9.81
N SER D 198 -16.34 -50.93 10.61
CA SER D 198 -16.18 -52.03 11.54
C SER D 198 -15.77 -53.28 10.77
N SER D 199 -16.23 -53.35 9.52
CA SER D 199 -15.96 -54.48 8.66
C SER D 199 -14.46 -54.68 8.41
N SER D 200 -13.69 -53.60 8.53
CA SER D 200 -12.25 -53.67 8.28
C SER D 200 -11.42 -54.14 9.48
N LEU D 201 -12.01 -54.10 10.68
CA LEU D 201 -11.28 -54.51 11.87
C LEU D 201 -10.70 -55.92 11.82
N GLY D 202 -11.53 -56.90 11.49
CA GLY D 202 -11.04 -58.28 11.44
C GLY D 202 -10.06 -58.56 10.33
N THR D 203 -10.06 -57.71 9.30
CA THR D 203 -9.18 -57.89 8.14
C THR D 203 -7.94 -57.01 8.07
N GLN D 204 -8.12 -55.72 8.25
CA GLN D 204 -7.04 -54.74 8.17
C GLN D 204 -6.23 -54.51 9.45
N THR D 205 -4.95 -54.16 9.28
CA THR D 205 -4.07 -53.89 10.41
C THR D 205 -3.76 -52.40 10.49
N TYR D 206 -3.76 -51.86 11.70
CA TYR D 206 -3.49 -50.45 11.91
C TYR D 206 -2.29 -50.20 12.80
N ILE D 207 -1.36 -49.39 12.30
CA ILE D 207 -0.14 -49.06 13.03
C ILE D 207 0.02 -47.55 13.08
N CYS D 208 0.23 -47.00 14.28
CA CYS D 208 0.43 -45.56 14.37
C CYS D 208 1.93 -45.36 14.50
N ASN D 209 2.47 -44.50 13.65
CA ASN D 209 3.89 -44.22 13.66
C ASN D 209 4.11 -42.88 14.33
N VAL D 210 4.69 -42.91 15.52
CA VAL D 210 4.93 -41.70 16.29
C VAL D 210 6.39 -41.27 16.21
N ASN D 211 6.60 -39.98 15.99
CA ASN D 211 7.96 -39.46 15.89
C ASN D 211 8.14 -38.20 16.73
N HIS D 212 9.04 -38.28 17.72
CA HIS D 212 9.34 -37.15 18.59
C HIS D 212 10.78 -36.78 18.29
N LYS D 213 10.97 -35.96 17.26
CA LYS D 213 12.29 -35.54 16.83
C LYS D 213 13.16 -34.91 17.92
N PRO D 214 12.56 -34.11 18.82
CA PRO D 214 13.36 -33.49 19.86
C PRO D 214 14.21 -34.49 20.66
N SER D 215 13.71 -35.72 20.77
CA SER D 215 14.42 -36.76 21.49
C SER D 215 14.87 -37.87 20.55
N ASN D 216 14.68 -37.66 19.25
CA ASN D 216 15.07 -38.65 18.24
C ASN D 216 14.42 -39.98 18.62
N THR D 217 13.14 -39.92 18.95
CA THR D 217 12.40 -41.12 19.35
C THR D 217 11.26 -41.48 18.41
N LYS D 218 11.31 -42.69 17.87
CA LYS D 218 10.26 -43.18 16.99
C LYS D 218 9.62 -44.41 17.59
N VAL D 219 8.29 -44.45 17.55
CA VAL D 219 7.55 -45.58 18.11
C VAL D 219 6.42 -46.00 17.18
N ASP D 220 6.35 -47.29 16.90
CA ASP D 220 5.30 -47.83 16.06
C ASP D 220 4.44 -48.68 17.00
N LYS D 221 3.14 -48.52 16.93
CA LYS D 221 2.26 -49.30 17.79
C LYS D 221 1.15 -49.95 17.00
N LYS D 222 1.07 -51.27 17.08
CA LYS D 222 0.02 -51.99 16.40
C LYS D 222 -1.22 -51.87 17.28
N VAL D 223 -2.31 -51.34 16.73
CA VAL D 223 -3.53 -51.19 17.49
C VAL D 223 -4.52 -52.24 17.03
N GLU D 224 -4.75 -53.24 17.87
CA GLU D 224 -5.67 -54.32 17.52
C GLU D 224 -6.94 -54.34 18.36
N PRO D 225 -8.02 -54.86 17.79
CA PRO D 225 -9.33 -54.96 18.44
C PRO D 225 -9.30 -55.69 19.78
N LYS D 226 -10.22 -55.32 20.67
CA LYS D 226 -10.34 -55.94 21.97
C LYS D 226 -11.74 -56.54 22.09
N SER D 227 -11.84 -57.72 22.67
CA SER D 227 -13.14 -58.35 22.85
C SER D 227 -13.73 -57.74 24.12
N CYS D 228 -15.05 -57.61 24.18
CA CYS D 228 -15.70 -57.06 25.36
C CYS D 228 -16.69 -58.07 25.92
#